data_5HB1
#
_entry.id   5HB1
#
_cell.length_a   96.070
_cell.length_b   138.620
_cell.length_c   89.280
_cell.angle_alpha   90.00
_cell.angle_beta   90.00
_cell.angle_gamma   90.00
#
_symmetry.space_group_name_H-M   'P 21 21 2'
#
_entity_poly.entity_id   1
_entity_poly.type   'polypeptide(L)'
_entity_poly.pdbx_seq_one_letter_code
;SLVDIFAKALGNCVSASDDALEREVRKFINQYGRVETIAAALAVACGQGSDLRTGTGRGMDRNTENLARAAFIEYGGQPR
LAESDGKQSVSESVRLSSRHDALALYLTRLVRTLWKAKVVQVGSGSDISSTIPTSKLVTIQENVERLRNFLEANKSTIQG
LAPPSERLFGRQEDIANQKEHQALHALQKLMESISEGISFVLMLFDERVSDIYARLDAVSQQQLKDLTYEQLFSQTPGKE
LAKVLVKAIVNRNIASGANVETVADALRRRCGSFCSPDDVVTFKAQEQLQRASEQAHNSPVLRALLAESLRLFEQVAGSL
TPANLTTAVEQYISLKYYAGAIQLCLTVAQQKDRGNTALSWVNDGKPANDSRKKAFDERKICYNLIHQVLDKLESDFAGE
PELVDGRPTLAATKRMEAYNVVNDSSDEVFHFDLYEWYIEKGWTDRILSIDSPHVITYLQRLAETDFRHAELLCRFYTTR
SRFFEAAQVQTNLAKSDLNISLKDRIILLSRAKGNASVNTIGISRQQQQQLNHEASELLEIAHIQDDLLERLVADPRIPE
ERKAEIEEFLDGPIRTLTDLFNDYADQANYYDLCLLIFHAADFHNPRTILDTWNNLINQSHFEAEQRREYWEIVQAGGDL
PAGVIAPIAEPPLPYVYVSQQIQLIAHRTSLDSLIFPVNSLLPVVCAYAINNGQDASIGADPCWPIQLFLNLGVPHALVV
QVLENVLDTQEAPFTGRRRKLVVQWIAMAVDMWVREVERRGAMAAAAASGASGSEAVMGSWVSELLGRADQVLTQIAGTG
ATLRGGAASDAEEIASLRRTVKGLKRSVDM
;
_entity_poly.pdbx_strand_id   A
#
# COMPACT_ATOMS: atom_id res chain seq x y z
N SER A 1 -12.66 -86.46 -41.22
CA SER A 1 -13.41 -85.78 -40.16
C SER A 1 -13.43 -86.64 -38.90
N LEU A 2 -12.28 -87.27 -38.60
CA LEU A 2 -12.16 -88.08 -37.40
C LEU A 2 -12.41 -87.25 -36.14
N VAL A 3 -11.76 -86.10 -36.05
CA VAL A 3 -11.84 -85.28 -34.84
C VAL A 3 -13.26 -84.76 -34.61
N ASP A 4 -14.05 -84.63 -35.69
CA ASP A 4 -15.40 -84.14 -35.55
C ASP A 4 -16.26 -85.06 -34.70
N ILE A 5 -16.02 -86.37 -34.78
CA ILE A 5 -16.77 -87.31 -33.95
C ILE A 5 -16.43 -87.12 -32.49
N PHE A 6 -15.14 -86.98 -32.19
CA PHE A 6 -14.72 -86.70 -30.82
C PHE A 6 -15.27 -85.37 -30.33
N ALA A 7 -15.31 -84.37 -31.21
CA ALA A 7 -15.85 -83.06 -30.85
C ALA A 7 -17.32 -83.16 -30.50
N LYS A 8 -18.13 -83.68 -31.43
CA LYS A 8 -19.56 -83.85 -31.17
C LYS A 8 -19.80 -84.84 -30.03
N ALA A 9 -18.85 -85.74 -29.77
CA ALA A 9 -18.94 -86.59 -28.59
C ALA A 9 -18.72 -85.77 -27.32
N LEU A 10 -17.77 -84.83 -27.35
CA LEU A 10 -17.65 -83.87 -26.27
C LEU A 10 -18.94 -83.07 -26.11
N GLY A 11 -19.54 -82.67 -27.24
CA GLY A 11 -20.82 -82.00 -27.22
C GLY A 11 -21.92 -82.83 -26.58
N ASN A 12 -21.74 -84.15 -26.52
CA ASN A 12 -22.68 -85.00 -25.81
C ASN A 12 -22.55 -84.84 -24.31
N CYS A 13 -21.37 -84.44 -23.82
CA CYS A 13 -21.17 -84.14 -22.41
C CYS A 13 -21.52 -82.70 -22.06
N VAL A 14 -21.60 -81.82 -23.07
CA VAL A 14 -21.95 -80.42 -22.83
C VAL A 14 -23.34 -80.33 -22.21
N SER A 15 -24.36 -80.75 -22.95
CA SER A 15 -25.73 -80.63 -22.49
C SER A 15 -25.96 -81.34 -21.17
N ALA A 16 -25.15 -82.35 -20.86
CA ALA A 16 -25.27 -83.03 -19.57
C ALA A 16 -24.88 -82.11 -18.42
N SER A 17 -23.81 -81.34 -18.59
CA SER A 17 -23.38 -80.43 -17.53
C SER A 17 -24.29 -79.21 -17.46
N ASP A 18 -24.69 -78.67 -18.61
CA ASP A 18 -25.55 -77.48 -18.62
C ASP A 18 -26.91 -77.77 -18.01
N ASP A 19 -27.59 -78.82 -18.49
CA ASP A 19 -28.92 -79.13 -17.98
C ASP A 19 -28.89 -79.50 -16.51
N ALA A 20 -27.80 -80.12 -16.05
CA ALA A 20 -27.65 -80.39 -14.63
C ALA A 20 -27.59 -79.10 -13.83
N LEU A 21 -26.77 -78.16 -14.27
CA LEU A 21 -26.69 -76.85 -13.61
C LEU A 21 -28.02 -76.10 -13.70
N GLU A 22 -28.55 -75.96 -14.93
CA GLU A 22 -29.76 -75.16 -15.13
C GLU A 22 -30.88 -75.63 -14.22
N ARG A 23 -31.09 -76.94 -14.16
CA ARG A 23 -32.07 -77.49 -13.24
C ARG A 23 -31.71 -77.17 -11.79
N GLU A 24 -30.46 -77.45 -11.41
CA GLU A 24 -30.05 -77.24 -10.02
C GLU A 24 -30.17 -75.78 -9.62
N VAL A 25 -29.77 -74.86 -10.49
CA VAL A 25 -29.88 -73.43 -10.19
C VAL A 25 -31.34 -73.06 -9.93
N ARG A 26 -32.22 -73.38 -10.87
CA ARG A 26 -33.62 -72.97 -10.77
C ARG A 26 -34.26 -73.46 -9.48
N LYS A 27 -33.84 -74.62 -8.98
CA LYS A 27 -34.37 -75.10 -7.70
C LYS A 27 -34.01 -74.13 -6.57
N PHE A 28 -32.82 -73.53 -6.64
CA PHE A 28 -32.43 -72.52 -5.67
C PHE A 28 -33.07 -71.16 -5.96
N ILE A 29 -33.32 -70.85 -7.23
CA ILE A 29 -33.90 -69.56 -7.60
C ILE A 29 -35.34 -69.46 -7.09
N ASN A 30 -36.22 -70.32 -7.59
CA ASN A 30 -37.64 -70.24 -7.25
C ASN A 30 -37.90 -70.33 -5.76
N GLN A 31 -36.96 -70.88 -4.99
CA GLN A 31 -37.14 -71.07 -3.56
C GLN A 31 -36.58 -69.93 -2.73
N TYR A 32 -35.43 -69.38 -3.11
CA TYR A 32 -34.82 -68.25 -2.40
C TYR A 32 -34.98 -66.92 -3.13
N GLY A 33 -35.55 -66.92 -4.32
CA GLY A 33 -35.66 -65.70 -5.11
C GLY A 33 -34.46 -65.51 -6.03
N ARG A 34 -34.61 -64.58 -6.96
CA ARG A 34 -33.57 -64.34 -7.96
C ARG A 34 -32.38 -63.59 -7.37
N VAL A 35 -32.63 -62.68 -6.44
CA VAL A 35 -31.55 -61.84 -5.93
C VAL A 35 -30.59 -62.65 -5.06
N GLU A 36 -31.13 -63.38 -4.08
CA GLU A 36 -30.29 -64.12 -3.16
C GLU A 36 -29.43 -65.15 -3.88
N THR A 37 -29.93 -65.72 -4.97
CA THR A 37 -29.21 -66.78 -5.66
C THR A 37 -27.97 -66.24 -6.36
N ILE A 38 -28.13 -65.18 -7.16
CA ILE A 38 -26.98 -64.59 -7.84
C ILE A 38 -25.97 -64.09 -6.82
N ALA A 39 -26.45 -63.58 -5.68
CA ALA A 39 -25.54 -63.13 -4.63
C ALA A 39 -24.74 -64.29 -4.04
N ALA A 40 -25.34 -65.47 -3.96
CA ALA A 40 -24.60 -66.63 -3.48
C ALA A 40 -23.52 -67.05 -4.45
N ALA A 41 -23.83 -67.02 -5.76
CA ALA A 41 -22.85 -67.43 -6.76
C ALA A 41 -21.61 -66.53 -6.72
N LEU A 42 -21.81 -65.24 -6.48
CA LEU A 42 -20.66 -64.33 -6.39
C LEU A 42 -19.79 -64.66 -5.18
N ALA A 43 -20.41 -64.96 -4.04
CA ALA A 43 -19.63 -65.27 -2.85
C ALA A 43 -18.81 -66.54 -3.04
N VAL A 44 -19.40 -67.57 -3.63
CA VAL A 44 -18.68 -68.83 -3.86
C VAL A 44 -17.54 -68.62 -4.85
N ALA A 45 -17.76 -67.75 -5.85
CA ALA A 45 -16.70 -67.47 -6.81
C ALA A 45 -15.52 -66.74 -6.18
N CYS A 46 -15.73 -66.10 -5.04
CA CYS A 46 -14.65 -65.42 -4.31
C CYS A 46 -13.96 -66.33 -3.30
N GLY A 47 -14.28 -67.62 -3.29
CA GLY A 47 -13.64 -68.57 -2.41
C GLY A 47 -14.39 -68.90 -1.13
N GLN A 48 -15.63 -68.45 -1.00
CA GLN A 48 -16.43 -68.73 0.19
C GLN A 48 -16.97 -70.16 0.18
N ARG A 62 -11.56 -75.64 -7.35
CA ARG A 62 -11.51 -74.68 -8.44
C ARG A 62 -12.74 -74.81 -9.34
N ASN A 63 -13.06 -76.05 -9.71
CA ASN A 63 -14.25 -76.29 -10.52
C ASN A 63 -15.50 -75.78 -9.81
N THR A 64 -15.54 -75.91 -8.47
CA THR A 64 -16.66 -75.36 -7.72
C THR A 64 -16.74 -73.85 -7.87
N GLU A 65 -15.60 -73.17 -7.80
CA GLU A 65 -15.59 -71.71 -7.91
C GLU A 65 -15.85 -71.25 -9.34
N ASN A 66 -15.53 -72.10 -10.33
CA ASN A 66 -15.79 -71.74 -11.72
C ASN A 66 -17.25 -71.93 -12.08
N LEU A 67 -17.89 -72.97 -11.53
CA LEU A 67 -19.33 -73.15 -11.76
C LEU A 67 -20.12 -71.98 -11.18
N ALA A 68 -19.69 -71.48 -10.02
CA ALA A 68 -20.33 -70.30 -9.44
C ALA A 68 -20.16 -69.08 -10.34
N ARG A 69 -19.00 -68.98 -11.01
CA ARG A 69 -18.79 -67.91 -11.97
C ARG A 69 -19.73 -68.04 -13.16
N ALA A 70 -19.95 -69.27 -13.63
CA ALA A 70 -20.80 -69.48 -14.80
C ALA A 70 -22.26 -69.16 -14.49
N ALA A 71 -22.75 -69.59 -13.32
CA ALA A 71 -24.12 -69.29 -12.95
C ALA A 71 -24.34 -67.80 -12.76
N PHE A 72 -23.31 -67.09 -12.28
CA PHE A 72 -23.41 -65.65 -12.09
C PHE A 72 -23.56 -64.92 -13.42
N ILE A 73 -23.05 -65.50 -14.50
CA ILE A 73 -23.11 -64.87 -15.82
C ILE A 73 -24.43 -65.18 -16.52
N GLU A 74 -24.77 -66.47 -16.63
CA GLU A 74 -25.86 -66.88 -17.53
C GLU A 74 -27.21 -66.37 -17.04
N TYR A 75 -27.50 -66.51 -15.75
CA TYR A 75 -28.82 -66.23 -15.20
C TYR A 75 -28.84 -64.96 -14.35
N GLY A 76 -27.91 -64.03 -14.58
CA GLY A 76 -27.94 -62.77 -13.86
C GLY A 76 -29.02 -61.80 -14.30
N GLY A 77 -29.76 -62.13 -15.37
CA GLY A 77 -30.79 -61.23 -15.87
C GLY A 77 -30.21 -60.18 -16.81
N GLN A 78 -30.82 -59.01 -16.80
CA GLN A 78 -30.40 -57.91 -17.65
C GLN A 78 -31.18 -56.66 -17.23
N PRO A 79 -30.65 -55.47 -17.52
CA PRO A 79 -31.34 -54.23 -17.16
C PRO A 79 -32.41 -53.84 -18.17
N ARG A 80 -33.54 -53.36 -17.66
CA ARG A 80 -34.66 -52.95 -18.51
C ARG A 80 -35.52 -51.96 -17.75
N LEU A 81 -36.15 -51.06 -18.50
CA LEU A 81 -37.00 -50.02 -17.93
C LEU A 81 -38.34 -50.57 -17.45
N GLU A 92 -36.52 -40.26 -16.10
CA GLU A 92 -36.42 -41.58 -16.69
C GLU A 92 -35.91 -42.59 -15.66
N SER A 93 -36.70 -43.65 -15.44
CA SER A 93 -36.38 -44.68 -14.46
C SER A 93 -35.96 -45.96 -15.17
N VAL A 94 -34.97 -46.64 -14.59
CA VAL A 94 -34.44 -47.88 -15.13
C VAL A 94 -34.40 -48.91 -14.00
N ARG A 95 -34.73 -50.16 -14.32
CA ARG A 95 -34.60 -51.28 -13.39
C ARG A 95 -33.39 -52.10 -13.82
N LEU A 96 -32.35 -52.10 -12.99
CA LEU A 96 -31.11 -52.78 -13.32
C LEU A 96 -31.23 -54.28 -13.05
N SER A 97 -30.30 -55.03 -13.64
CA SER A 97 -30.36 -56.48 -13.61
C SER A 97 -30.22 -57.00 -12.18
N SER A 98 -30.70 -58.23 -11.97
CA SER A 98 -30.45 -58.93 -10.72
C SER A 98 -28.98 -59.14 -10.46
N ARG A 99 -28.17 -59.18 -11.53
CA ARG A 99 -26.73 -59.33 -11.38
C ARG A 99 -26.14 -58.15 -10.62
N HIS A 100 -26.63 -56.95 -10.87
CA HIS A 100 -26.14 -55.78 -10.16
C HIS A 100 -26.54 -55.84 -8.69
N ASP A 101 -27.84 -55.96 -8.42
CA ASP A 101 -28.34 -55.96 -7.05
C ASP A 101 -27.64 -57.01 -6.21
N ALA A 102 -27.19 -58.10 -6.82
CA ALA A 102 -26.45 -59.12 -6.10
C ALA A 102 -25.09 -58.59 -5.66
N LEU A 103 -24.39 -57.88 -6.54
CA LEU A 103 -23.09 -57.31 -6.19
C LEU A 103 -23.23 -56.26 -5.10
N ALA A 104 -24.28 -55.43 -5.17
CA ALA A 104 -24.50 -54.44 -4.13
C ALA A 104 -24.79 -55.10 -2.79
N LEU A 105 -25.50 -56.23 -2.82
CA LEU A 105 -25.81 -56.94 -1.59
C LEU A 105 -24.55 -57.52 -0.96
N TYR A 106 -23.74 -58.23 -1.75
CA TYR A 106 -22.52 -58.85 -1.23
C TYR A 106 -21.58 -57.79 -0.68
N LEU A 107 -21.39 -56.69 -1.41
CA LEU A 107 -20.53 -55.62 -0.94
C LEU A 107 -21.05 -55.05 0.38
N THR A 108 -22.35 -54.78 0.46
CA THR A 108 -22.93 -54.22 1.68
C THR A 108 -22.75 -55.17 2.85
N ARG A 109 -22.87 -56.48 2.61
CA ARG A 109 -22.74 -57.45 3.69
C ARG A 109 -21.31 -57.54 4.21
N LEU A 110 -20.33 -57.37 3.34
CA LEU A 110 -18.93 -57.47 3.77
C LEU A 110 -18.52 -56.33 4.68
N VAL A 111 -19.24 -55.21 4.65
CA VAL A 111 -18.89 -54.00 5.39
C VAL A 111 -19.98 -53.60 6.37
N ARG A 112 -20.93 -54.50 6.67
CA ARG A 112 -22.04 -54.16 7.53
C ARG A 112 -21.59 -53.86 8.96
N THR A 113 -20.43 -54.36 9.38
CA THR A 113 -19.98 -54.20 10.75
C THR A 113 -19.21 -52.91 10.99
N LEU A 114 -18.69 -52.27 9.95
CA LEU A 114 -17.89 -51.05 10.09
C LEU A 114 -18.43 -49.86 9.32
N TRP A 115 -19.44 -50.03 8.47
CA TRP A 115 -19.91 -48.96 7.60
C TRP A 115 -20.37 -47.75 8.41
N LYS A 116 -21.38 -47.93 9.25
CA LYS A 116 -21.97 -46.85 10.04
C LYS A 116 -21.24 -46.61 11.36
N ALA A 117 -20.27 -47.44 11.71
CA ALA A 117 -19.61 -47.32 13.00
C ALA A 117 -18.57 -46.19 12.98
N LYS A 118 -18.42 -45.54 14.12
CA LYS A 118 -17.34 -44.59 14.28
C LYS A 118 -16.01 -45.29 14.07
N VAL A 119 -15.03 -44.55 13.53
CA VAL A 119 -13.74 -45.16 13.24
C VAL A 119 -12.94 -45.38 14.52
N VAL A 120 -13.07 -44.46 15.48
CA VAL A 120 -12.24 -44.45 16.67
C VAL A 120 -13.11 -44.35 17.92
N GLN A 121 -12.55 -44.80 19.04
CA GLN A 121 -13.12 -44.61 20.37
C GLN A 121 -12.08 -43.88 21.21
N VAL A 122 -12.43 -42.68 21.66
CA VAL A 122 -11.47 -41.77 22.27
C VAL A 122 -12.02 -41.26 23.59
N GLY A 123 -11.12 -41.07 24.55
CA GLY A 123 -11.44 -40.39 25.79
C GLY A 123 -10.54 -39.18 25.95
N SER A 124 -11.08 -38.14 26.57
CA SER A 124 -10.33 -36.89 26.68
C SER A 124 -9.09 -37.04 27.56
N GLY A 125 -9.11 -38.00 28.49
CA GLY A 125 -8.00 -38.20 29.41
C GLY A 125 -6.97 -39.21 28.93
N SER A 126 -6.38 -38.95 27.77
CA SER A 126 -5.26 -39.76 27.24
C SER A 126 -5.70 -41.14 26.78
N ASP A 127 -6.97 -41.29 26.40
CA ASP A 127 -7.49 -42.53 25.83
C ASP A 127 -7.64 -42.38 24.32
N ILE A 128 -7.46 -43.50 23.62
CA ILE A 128 -7.60 -43.54 22.16
C ILE A 128 -7.57 -45.01 21.72
N SER A 129 -8.38 -45.34 20.71
CA SER A 129 -8.48 -46.72 20.26
C SER A 129 -9.35 -46.76 19.02
N SER A 130 -9.25 -47.87 18.29
CA SER A 130 -10.08 -48.13 17.13
C SER A 130 -11.39 -48.78 17.57
N THR A 131 -12.48 -48.38 16.93
CA THR A 131 -13.76 -49.04 17.21
C THR A 131 -13.74 -50.48 16.73
N ILE A 132 -13.27 -50.72 15.52
CA ILE A 132 -13.18 -52.05 14.94
C ILE A 132 -11.80 -52.62 15.22
N PRO A 133 -11.67 -53.87 15.66
CA PRO A 133 -10.34 -54.44 15.84
C PRO A 133 -9.60 -54.55 14.51
N THR A 134 -8.27 -54.42 14.60
CA THR A 134 -7.46 -54.44 13.39
C THR A 134 -7.59 -55.76 12.64
N SER A 135 -7.61 -56.87 13.37
CA SER A 135 -7.75 -58.17 12.74
C SER A 135 -9.01 -58.25 11.90
N LYS A 136 -10.11 -57.64 12.38
CA LYS A 136 -11.34 -57.63 11.60
C LYS A 136 -11.18 -56.79 10.35
N LEU A 137 -10.50 -55.65 10.46
CA LEU A 137 -10.31 -54.79 9.29
C LEU A 137 -9.48 -55.49 8.22
N VAL A 138 -8.49 -56.28 8.63
CA VAL A 138 -7.67 -56.99 7.66
C VAL A 138 -8.52 -57.97 6.86
N THR A 139 -9.26 -58.83 7.54
CA THR A 139 -10.08 -59.83 6.87
C THR A 139 -11.11 -59.17 5.96
N ILE A 140 -11.65 -58.02 6.37
CA ILE A 140 -12.59 -57.30 5.51
C ILE A 140 -11.89 -56.82 4.25
N GLN A 141 -10.70 -56.24 4.40
CA GLN A 141 -9.96 -55.74 3.24
C GLN A 141 -9.63 -56.86 2.27
N GLU A 142 -9.21 -58.02 2.80
CA GLU A 142 -8.88 -59.15 1.93
C GLU A 142 -10.11 -59.63 1.17
N ASN A 143 -11.29 -59.53 1.77
CA ASN A 143 -12.51 -59.93 1.07
C ASN A 143 -12.88 -58.95 -0.03
N VAL A 144 -12.68 -57.65 0.23
CA VAL A 144 -12.99 -56.65 -0.79
C VAL A 144 -12.02 -56.77 -1.96
N GLU A 145 -10.73 -56.96 -1.68
CA GLU A 145 -9.76 -57.13 -2.76
C GLU A 145 -10.02 -58.40 -3.56
N ARG A 146 -10.48 -59.46 -2.88
CA ARG A 146 -10.91 -60.66 -3.60
C ARG A 146 -12.03 -60.32 -4.58
N LEU A 147 -12.94 -59.43 -4.19
CA LEU A 147 -14.02 -59.04 -5.08
C LEU A 147 -13.49 -58.23 -6.26
N ARG A 148 -12.74 -57.16 -5.98
CA ARG A 148 -12.16 -56.36 -7.06
C ARG A 148 -11.30 -57.21 -7.97
N ASN A 149 -10.49 -58.11 -7.39
CA ASN A 149 -9.65 -58.99 -8.19
C ASN A 149 -10.49 -59.87 -9.11
N PHE A 150 -11.67 -60.29 -8.64
CA PHE A 150 -12.53 -61.11 -9.48
C PHE A 150 -13.11 -60.31 -10.63
N LEU A 151 -13.49 -59.05 -10.39
CA LEU A 151 -14.06 -58.23 -11.45
C LEU A 151 -13.02 -57.88 -12.50
N GLU A 152 -11.78 -57.62 -12.07
CA GLU A 152 -10.72 -57.30 -13.04
C GLU A 152 -10.29 -58.54 -13.81
N ALA A 153 -10.26 -59.70 -13.15
CA ALA A 153 -9.93 -60.95 -13.82
C ALA A 153 -11.05 -61.47 -14.70
N ASN A 154 -12.20 -60.80 -14.72
CA ASN A 154 -13.32 -61.18 -15.58
C ASN A 154 -13.96 -59.95 -16.21
N LYS A 155 -13.18 -58.89 -16.40
CA LYS A 155 -13.69 -57.65 -16.98
C LYS A 155 -14.31 -57.87 -18.36
N SER A 156 -13.90 -58.91 -19.08
CA SER A 156 -14.37 -59.14 -20.43
C SER A 156 -15.64 -59.99 -20.49
N THR A 157 -15.86 -60.84 -19.49
CA THR A 157 -16.98 -61.78 -19.51
C THR A 157 -18.25 -61.16 -18.91
N ILE A 158 -18.11 -60.39 -17.83
CA ILE A 158 -19.28 -59.82 -17.16
C ILE A 158 -19.88 -58.72 -18.03
N GLN A 159 -21.20 -58.72 -18.15
CA GLN A 159 -21.89 -57.69 -18.90
C GLN A 159 -21.91 -56.40 -18.10
N GLY A 160 -21.69 -55.28 -18.79
CA GLY A 160 -21.71 -53.96 -18.19
C GLY A 160 -20.34 -53.44 -17.80
N LEU A 161 -19.41 -54.32 -17.44
CA LEU A 161 -18.06 -53.88 -17.11
C LEU A 161 -17.36 -53.33 -18.34
N ALA A 162 -17.42 -54.02 -19.46
CA ALA A 162 -16.89 -53.51 -20.70
C ALA A 162 -17.81 -52.40 -21.25
N PRO A 163 -17.26 -51.44 -21.97
CA PRO A 163 -18.07 -50.31 -22.44
C PRO A 163 -19.02 -50.74 -23.53
N PRO A 164 -20.27 -50.24 -23.52
CA PRO A 164 -21.23 -50.60 -24.57
C PRO A 164 -20.92 -49.95 -25.90
N ASP A 174 -30.08 -49.27 -25.02
CA ASP A 174 -28.97 -48.34 -24.92
C ASP A 174 -28.89 -47.70 -23.54
N ILE A 175 -29.96 -47.01 -23.15
CA ILE A 175 -29.98 -46.36 -21.84
C ILE A 175 -29.92 -47.40 -20.73
N ALA A 176 -30.53 -48.56 -20.93
CA ALA A 176 -30.55 -49.60 -19.90
C ALA A 176 -29.13 -50.09 -19.61
N ASN A 177 -28.39 -50.45 -20.66
CA ASN A 177 -27.03 -50.91 -20.48
C ASN A 177 -26.06 -49.80 -20.11
N GLN A 178 -26.45 -48.54 -20.35
CA GLN A 178 -25.59 -47.41 -19.96
C GLN A 178 -25.64 -47.19 -18.46
N LYS A 179 -26.83 -46.91 -17.91
CA LYS A 179 -26.97 -46.77 -16.47
C LYS A 179 -26.53 -48.04 -15.75
N GLU A 180 -26.65 -49.19 -16.39
CA GLU A 180 -26.04 -50.41 -15.86
C GLU A 180 -24.53 -50.26 -15.78
N HIS A 181 -23.91 -49.78 -16.85
CA HIS A 181 -22.46 -49.59 -16.87
C HIS A 181 -22.04 -48.51 -15.87
N GLN A 182 -22.86 -47.46 -15.71
CA GLN A 182 -22.51 -46.38 -14.79
C GLN A 182 -22.62 -46.83 -13.34
N ALA A 183 -23.72 -47.52 -13.00
CA ALA A 183 -23.91 -47.98 -11.64
C ALA A 183 -22.82 -48.97 -11.23
N LEU A 184 -22.42 -49.84 -12.15
CA LEU A 184 -21.33 -50.77 -11.86
C LEU A 184 -20.01 -50.05 -11.70
N HIS A 185 -19.78 -49.00 -12.49
CA HIS A 185 -18.56 -48.21 -12.37
C HIS A 185 -18.50 -47.54 -11.00
N ALA A 186 -19.60 -46.93 -10.58
CA ALA A 186 -19.63 -46.29 -9.27
C ALA A 186 -19.37 -47.29 -8.15
N LEU A 187 -19.81 -48.54 -8.33
CA LEU A 187 -19.54 -49.57 -7.33
C LEU A 187 -18.05 -49.86 -7.25
N GLN A 188 -17.40 -50.07 -8.39
CA GLN A 188 -15.97 -50.36 -8.37
C GLN A 188 -15.18 -49.21 -7.77
N LYS A 189 -15.58 -47.97 -8.05
CA LYS A 189 -14.93 -46.82 -7.44
C LYS A 189 -15.14 -46.80 -5.94
N LEU A 190 -16.28 -47.31 -5.46
CA LEU A 190 -16.50 -47.41 -4.02
C LEU A 190 -15.65 -48.50 -3.41
N MET A 191 -15.44 -49.60 -4.14
CA MET A 191 -14.62 -50.69 -3.63
C MET A 191 -13.19 -50.24 -3.36
N GLU A 192 -12.56 -49.63 -4.37
CA GLU A 192 -11.21 -49.13 -4.19
C GLU A 192 -11.18 -48.00 -3.16
N SER A 193 -12.25 -47.19 -3.09
CA SER A 193 -12.33 -46.17 -2.05
C SER A 193 -12.43 -46.80 -0.67
N ILE A 194 -13.09 -47.95 -0.56
CA ILE A 194 -13.15 -48.67 0.70
C ILE A 194 -11.79 -49.24 1.05
N SER A 195 -11.13 -49.88 0.08
CA SER A 195 -9.84 -50.51 0.34
C SER A 195 -8.80 -49.48 0.77
N GLU A 196 -8.75 -48.34 0.09
CA GLU A 196 -7.84 -47.27 0.50
C GLU A 196 -8.24 -46.71 1.85
N GLY A 197 -9.53 -46.73 2.18
CA GLY A 197 -9.96 -46.24 3.48
C GLY A 197 -9.52 -47.15 4.61
N ILE A 198 -9.71 -48.45 4.45
CA ILE A 198 -9.29 -49.40 5.47
C ILE A 198 -7.77 -49.37 5.64
N SER A 199 -7.04 -49.34 4.52
CA SER A 199 -5.58 -49.27 4.58
C SER A 199 -5.12 -48.01 5.30
N PHE A 200 -5.92 -46.94 5.24
CA PHE A 200 -5.56 -45.70 5.94
C PHE A 200 -5.79 -45.85 7.44
N VAL A 201 -6.85 -46.55 7.84
CA VAL A 201 -7.11 -46.75 9.26
C VAL A 201 -6.05 -47.64 9.88
N LEU A 202 -5.66 -48.70 9.17
CA LEU A 202 -4.61 -49.58 9.69
C LEU A 202 -3.29 -48.83 9.80
N MET A 203 -2.95 -48.02 8.80
CA MET A 203 -1.75 -47.20 8.86
C MET A 203 -1.80 -46.24 10.04
N LEU A 204 -2.99 -45.73 10.37
CA LEU A 204 -3.13 -44.76 11.45
C LEU A 204 -2.64 -45.35 12.77
N PHE A 205 -3.14 -46.53 13.13
CA PHE A 205 -2.78 -47.16 14.39
C PHE A 205 -1.44 -47.89 14.34
N ASP A 206 -0.80 -47.94 13.17
CA ASP A 206 0.58 -48.43 13.11
C ASP A 206 1.53 -47.40 13.70
N GLU A 207 1.36 -46.14 13.32
CA GLU A 207 2.05 -45.04 13.99
C GLU A 207 1.33 -44.70 15.30
N ARG A 208 2.01 -43.90 16.13
CA ARG A 208 1.44 -43.50 17.40
C ARG A 208 0.33 -42.47 17.18
N VAL A 209 -0.87 -42.78 17.70
CA VAL A 209 -2.06 -42.02 17.39
C VAL A 209 -2.38 -40.99 18.47
N SER A 210 -2.12 -41.33 19.75
CA SER A 210 -2.34 -40.39 20.83
C SER A 210 -1.51 -39.13 20.67
N ASP A 211 -0.43 -39.17 19.88
CA ASP A 211 0.46 -38.03 19.75
C ASP A 211 -0.17 -36.96 18.85
N ILE A 212 -0.67 -37.37 17.68
CA ILE A 212 -1.26 -36.41 16.74
C ILE A 212 -2.49 -35.76 17.35
N TYR A 213 -3.32 -36.55 18.04
CA TYR A 213 -4.58 -36.04 18.56
C TYR A 213 -4.36 -34.95 19.61
N ALA A 214 -3.22 -34.98 20.30
CA ALA A 214 -2.96 -33.98 21.33
C ALA A 214 -2.63 -32.63 20.71
N ARG A 215 -1.91 -32.62 19.59
CA ARG A 215 -1.53 -31.39 18.90
C ARG A 215 -2.53 -30.99 17.82
N LEU A 216 -3.76 -31.47 17.89
CA LEU A 216 -4.74 -31.27 16.85
C LEU A 216 -5.72 -30.15 17.23
N ASP A 217 -6.35 -29.57 16.22
CA ASP A 217 -7.30 -28.49 16.41
C ASP A 217 -8.63 -29.02 16.92
N ALA A 218 -9.32 -28.19 17.70
CA ALA A 218 -10.61 -28.59 18.27
C ALA A 218 -11.61 -28.95 17.19
N VAL A 219 -11.53 -28.30 16.03
CA VAL A 219 -12.43 -28.62 14.92
C VAL A 219 -12.07 -29.96 14.32
N SER A 220 -10.77 -30.22 14.12
CA SER A 220 -10.33 -31.49 13.56
C SER A 220 -10.54 -32.63 14.55
N GLN A 221 -10.25 -32.39 15.83
CA GLN A 221 -10.59 -33.37 16.87
C GLN A 221 -12.09 -33.64 16.89
N GLN A 222 -12.90 -32.62 16.60
CA GLN A 222 -14.35 -32.79 16.58
C GLN A 222 -14.78 -33.59 15.38
N GLN A 223 -14.31 -33.22 14.19
CA GLN A 223 -14.66 -33.95 12.97
C GLN A 223 -14.24 -35.42 13.08
N LEU A 224 -13.12 -35.69 13.75
CA LEU A 224 -12.59 -37.05 13.84
C LEU A 224 -13.41 -37.90 14.80
N LYS A 225 -13.83 -37.33 15.93
CA LYS A 225 -14.50 -38.11 16.96
C LYS A 225 -15.80 -38.73 16.43
N ASP A 226 -16.55 -37.96 15.63
CA ASP A 226 -17.79 -38.43 15.01
C ASP A 226 -17.61 -38.80 13.55
N LEU A 227 -16.41 -39.27 13.19
CA LEU A 227 -16.12 -39.65 11.81
C LEU A 227 -16.50 -41.12 11.60
N THR A 228 -17.44 -41.36 10.69
CA THR A 228 -17.86 -42.70 10.34
C THR A 228 -17.12 -43.18 9.09
N TYR A 229 -17.08 -44.49 8.91
CA TYR A 229 -16.43 -45.06 7.74
C TYR A 229 -17.14 -44.66 6.46
N GLU A 230 -18.47 -44.51 6.50
CA GLU A 230 -19.21 -44.10 5.31
C GLU A 230 -18.73 -42.75 4.81
N GLN A 231 -18.66 -41.76 5.72
CA GLN A 231 -18.13 -40.46 5.34
C GLN A 231 -16.73 -40.57 4.78
N LEU A 232 -15.93 -41.52 5.29
CA LEU A 232 -14.60 -41.75 4.76
C LEU A 232 -14.67 -42.32 3.35
N PHE A 233 -15.62 -43.21 3.10
CA PHE A 233 -15.68 -43.92 1.83
C PHE A 233 -16.40 -43.14 0.72
N SER A 234 -17.50 -42.45 1.06
CA SER A 234 -18.41 -41.94 0.05
C SER A 234 -18.71 -40.45 0.20
N GLN A 235 -17.88 -39.71 0.93
CA GLN A 235 -18.10 -38.28 1.11
C GLN A 235 -16.77 -37.55 1.18
N THR A 236 -16.84 -36.25 0.96
CA THR A 236 -15.65 -35.42 0.83
C THR A 236 -15.04 -35.10 2.19
N PRO A 237 -15.83 -34.74 3.20
CA PRO A 237 -15.23 -34.43 4.52
C PRO A 237 -14.35 -35.53 5.06
N GLY A 238 -14.70 -36.79 4.82
CA GLY A 238 -13.82 -37.87 5.19
C GLY A 238 -12.53 -37.85 4.40
N LYS A 239 -12.61 -37.54 3.11
CA LYS A 239 -11.40 -37.43 2.30
C LYS A 239 -10.56 -36.23 2.72
N GLU A 240 -11.21 -35.08 2.93
CA GLU A 240 -10.48 -33.90 3.38
C GLU A 240 -9.83 -34.14 4.73
N LEU A 241 -10.56 -34.76 5.66
CA LEU A 241 -9.98 -35.07 6.96
C LEU A 241 -8.86 -36.08 6.83
N ALA A 242 -9.03 -37.09 5.97
CA ALA A 242 -7.96 -38.05 5.72
C ALA A 242 -6.70 -37.33 5.23
N LYS A 243 -6.86 -36.35 4.34
CA LYS A 243 -5.72 -35.58 3.85
C LYS A 243 -5.06 -34.78 4.96
N VAL A 244 -5.82 -34.38 5.98
CA VAL A 244 -5.24 -33.67 7.12
C VAL A 244 -4.46 -34.65 7.99
N LEU A 245 -5.02 -35.83 8.26
CA LEU A 245 -4.37 -36.76 9.15
C LEU A 245 -3.05 -37.26 8.58
N VAL A 246 -3.02 -37.59 7.30
CA VAL A 246 -1.77 -37.99 6.67
C VAL A 246 -0.74 -36.86 6.75
N LYS A 247 -1.20 -35.62 6.53
CA LYS A 247 -0.30 -34.48 6.65
C LYS A 247 0.21 -34.29 8.06
N ALA A 248 -0.48 -34.85 9.05
CA ALA A 248 -0.10 -34.75 10.45
C ALA A 248 0.74 -35.94 10.93
N ILE A 249 0.44 -37.14 10.44
CA ILE A 249 1.18 -38.32 10.89
C ILE A 249 2.63 -38.24 10.44
N VAL A 250 2.86 -37.76 9.22
CA VAL A 250 4.24 -37.67 8.72
C VAL A 250 5.03 -36.66 9.56
N ASN A 251 4.40 -35.55 9.91
CA ASN A 251 5.03 -34.60 10.83
C ASN A 251 5.52 -35.32 12.08
N ARG A 252 4.64 -36.11 12.69
CA ARG A 252 5.02 -36.87 13.88
C ARG A 252 6.07 -37.92 13.55
N ASN A 253 5.89 -38.63 12.43
CA ASN A 253 6.86 -39.65 12.03
C ASN A 253 8.28 -39.07 11.97
N ILE A 254 8.40 -37.81 11.56
CA ILE A 254 9.70 -37.18 11.47
C ILE A 254 10.29 -36.94 12.86
N ALA A 255 9.45 -36.64 13.85
CA ALA A 255 9.92 -36.47 15.22
C ALA A 255 10.49 -37.78 15.76
N SER A 256 9.79 -38.89 15.56
CA SER A 256 10.35 -40.20 15.85
C SER A 256 11.53 -40.49 14.93
N GLY A 257 11.42 -40.09 13.66
CA GLY A 257 12.54 -40.13 12.75
C GLY A 257 13.05 -41.52 12.45
N ALA A 258 12.19 -42.54 12.54
CA ALA A 258 12.60 -43.89 12.18
C ALA A 258 12.96 -43.96 10.70
N ASN A 259 12.00 -43.67 9.83
CA ASN A 259 12.24 -43.67 8.40
C ASN A 259 11.17 -42.84 7.71
N VAL A 260 11.61 -41.86 6.91
CA VAL A 260 10.68 -41.03 6.15
C VAL A 260 10.35 -41.67 4.81
N GLU A 261 11.37 -42.15 4.10
CA GLU A 261 11.17 -42.67 2.75
C GLU A 261 10.44 -44.00 2.73
N THR A 262 10.38 -44.70 3.86
CA THR A 262 9.58 -45.92 3.95
C THR A 262 8.11 -45.59 4.19
N VAL A 263 7.84 -44.68 5.14
CA VAL A 263 6.49 -44.18 5.33
C VAL A 263 5.99 -43.51 4.06
N ALA A 264 6.90 -42.95 3.26
CA ALA A 264 6.55 -42.35 1.99
C ALA A 264 5.96 -43.40 1.06
N ASP A 265 6.79 -44.35 0.61
CA ASP A 265 6.32 -45.40 -0.28
C ASP A 265 5.13 -46.16 0.29
N ALA A 266 4.94 -46.13 1.61
CA ALA A 266 3.74 -46.72 2.19
C ALA A 266 2.50 -45.93 1.80
N LEU A 267 2.55 -44.62 1.97
CA LEU A 267 1.42 -43.77 1.61
C LEU A 267 1.32 -43.56 0.10
N ARG A 268 2.41 -43.68 -0.63
CA ARG A 268 2.41 -43.30 -2.04
C ARG A 268 1.51 -44.22 -2.85
N ARG A 269 1.61 -45.54 -2.63
CA ARG A 269 1.03 -46.52 -3.54
C ARG A 269 -0.33 -47.01 -3.06
N ARG A 270 -0.39 -47.62 -1.86
CA ARG A 270 -1.58 -48.32 -1.42
C ARG A 270 -2.78 -47.39 -1.35
N CYS A 271 -2.64 -46.27 -0.64
CA CYS A 271 -3.69 -45.27 -0.52
C CYS A 271 -3.51 -44.12 -1.50
N GLY A 272 -2.89 -44.39 -2.65
CA GLY A 272 -2.91 -43.43 -3.74
C GLY A 272 -4.34 -43.11 -4.16
N SER A 273 -4.49 -41.99 -4.86
CA SER A 273 -5.75 -41.36 -5.18
C SER A 273 -6.33 -40.64 -3.96
N PHE A 274 -5.77 -40.85 -2.77
CA PHE A 274 -6.06 -40.05 -1.59
C PHE A 274 -4.83 -39.33 -1.07
N CYS A 275 -3.65 -39.93 -1.21
CA CYS A 275 -2.39 -39.23 -1.02
C CYS A 275 -2.00 -38.53 -2.33
N SER A 276 -1.16 -37.50 -2.19
CA SER A 276 -0.73 -36.71 -3.33
C SER A 276 0.78 -36.81 -3.48
N PRO A 277 1.31 -37.04 -4.69
CA PRO A 277 2.78 -37.10 -4.85
C PRO A 277 3.47 -35.78 -4.59
N ASP A 278 2.76 -34.66 -4.72
CA ASP A 278 3.37 -33.37 -4.34
C ASP A 278 3.47 -33.22 -2.84
N ASP A 279 2.71 -34.02 -2.07
CA ASP A 279 2.81 -33.96 -0.61
C ASP A 279 3.97 -34.78 -0.08
N VAL A 280 4.29 -35.91 -0.73
CA VAL A 280 5.39 -36.74 -0.22
C VAL A 280 6.73 -36.03 -0.46
N VAL A 281 6.88 -35.38 -1.61
CA VAL A 281 8.08 -34.58 -1.86
C VAL A 281 8.17 -33.45 -0.84
N THR A 282 7.02 -32.85 -0.51
CA THR A 282 6.98 -31.89 0.58
C THR A 282 7.38 -32.55 1.90
N PHE A 283 6.81 -33.73 2.18
CA PHE A 283 7.21 -34.48 3.37
C PHE A 283 8.70 -34.79 3.35
N LYS A 284 9.24 -35.12 2.17
CA LYS A 284 10.68 -35.33 2.06
C LYS A 284 11.44 -34.04 2.35
N ALA A 285 10.86 -32.89 2.01
CA ALA A 285 11.52 -31.62 2.30
C ALA A 285 11.45 -31.31 3.79
N GLN A 286 10.27 -31.41 4.39
CA GLN A 286 10.14 -31.22 5.83
C GLN A 286 10.94 -32.25 6.61
N GLU A 287 11.25 -33.37 5.99
CA GLU A 287 12.13 -34.36 6.63
C GLU A 287 13.52 -33.78 6.88
N GLN A 288 14.15 -33.28 5.81
CA GLN A 288 15.50 -32.72 5.96
C GLN A 288 15.47 -31.48 6.84
N LEU A 289 14.38 -30.71 6.77
CA LEU A 289 14.29 -29.50 7.58
C LEU A 289 14.29 -29.84 9.06
N GLN A 290 13.41 -30.76 9.47
CA GLN A 290 13.39 -31.18 10.87
C GLN A 290 14.66 -31.90 11.25
N ARG A 291 15.18 -32.75 10.35
CA ARG A 291 16.43 -33.44 10.64
C ARG A 291 17.62 -32.51 10.54
N ALA A 292 17.49 -31.37 9.85
CA ALA A 292 18.49 -30.32 9.95
C ALA A 292 18.41 -29.62 11.30
N SER A 293 17.20 -29.52 11.88
CA SER A 293 17.06 -29.03 13.24
C SER A 293 17.48 -30.08 14.26
N GLU A 294 17.42 -31.37 13.90
CA GLU A 294 17.94 -32.41 14.79
C GLU A 294 19.46 -32.36 14.84
N GLN A 295 20.10 -32.35 13.68
CA GLN A 295 21.55 -32.26 13.57
C GLN A 295 22.07 -30.84 13.81
N ALA A 296 21.22 -29.94 14.31
CA ALA A 296 21.51 -28.50 14.29
C ALA A 296 22.88 -28.19 14.87
N HIS A 297 23.31 -28.93 15.88
CA HIS A 297 24.60 -28.65 16.52
C HIS A 297 25.76 -28.91 15.57
N ASN A 298 25.63 -29.88 14.67
CA ASN A 298 26.69 -30.17 13.71
C ASN A 298 26.84 -29.02 12.71
N SER A 299 28.08 -28.81 12.26
CA SER A 299 28.39 -27.73 11.33
C SER A 299 28.34 -28.20 9.88
N PRO A 300 29.04 -29.27 9.51
CA PRO A 300 29.13 -29.64 8.10
C PRO A 300 28.00 -30.52 7.58
N VAL A 301 27.16 -31.06 8.46
CA VAL A 301 26.10 -31.98 8.02
C VAL A 301 24.86 -31.22 7.56
N LEU A 302 24.64 -30.01 8.08
CA LEU A 302 23.43 -29.26 7.74
C LEU A 302 23.47 -28.73 6.31
N ARG A 303 24.61 -28.20 5.89
CA ARG A 303 24.69 -27.60 4.55
C ARG A 303 24.34 -28.60 3.46
N ALA A 304 24.34 -29.90 3.78
CA ALA A 304 23.81 -30.91 2.87
C ALA A 304 22.33 -31.19 3.13
N LEU A 305 21.90 -31.10 4.38
CA LEU A 305 20.48 -31.29 4.70
C LEU A 305 19.65 -30.10 4.23
N LEU A 306 20.09 -28.89 4.54
CA LEU A 306 19.32 -27.69 4.17
C LEU A 306 19.37 -27.46 2.67
N ALA A 307 20.49 -27.76 2.02
CA ALA A 307 20.59 -27.58 0.58
C ALA A 307 19.71 -28.58 -0.16
N GLU A 308 19.60 -29.81 0.37
CA GLU A 308 18.73 -30.80 -0.25
C GLU A 308 17.27 -30.54 0.09
N SER A 309 16.97 -30.03 1.28
CA SER A 309 15.61 -29.59 1.58
C SER A 309 15.17 -28.51 0.61
N LEU A 310 16.08 -27.58 0.30
CA LEU A 310 15.77 -26.50 -0.63
C LEU A 310 15.46 -27.06 -2.03
N ARG A 311 16.24 -28.05 -2.47
CA ARG A 311 15.95 -28.70 -3.75
C ARG A 311 14.55 -29.31 -3.73
N LEU A 312 14.17 -29.96 -2.63
CA LEU A 312 12.87 -30.62 -2.54
C LEU A 312 11.74 -29.61 -2.54
N PHE A 313 11.92 -28.47 -1.87
CA PHE A 313 10.87 -27.47 -1.83
C PHE A 313 10.64 -26.83 -3.20
N GLU A 314 11.73 -26.50 -3.91
CA GLU A 314 11.58 -25.79 -5.17
C GLU A 314 10.86 -26.62 -6.22
N GLN A 315 10.92 -27.95 -6.10
CA GLN A 315 10.23 -28.81 -7.07
C GLN A 315 8.73 -28.66 -6.95
N VAL A 316 8.20 -28.68 -5.72
CA VAL A 316 6.77 -28.57 -5.49
C VAL A 316 6.42 -27.12 -5.19
N ALA A 317 7.17 -26.18 -5.78
CA ALA A 317 6.93 -24.77 -5.52
C ALA A 317 5.56 -24.33 -6.02
N GLY A 318 5.18 -24.77 -7.23
CA GLY A 318 3.87 -24.43 -7.77
C GLY A 318 2.72 -25.09 -7.08
N SER A 319 2.98 -26.07 -6.21
CA SER A 319 1.94 -26.76 -5.45
C SER A 319 2.12 -26.62 -3.95
N LEU A 320 3.18 -25.94 -3.51
CA LEU A 320 3.41 -25.77 -2.09
C LEU A 320 2.31 -24.93 -1.46
N THR A 321 1.99 -25.26 -0.21
CA THR A 321 0.95 -24.56 0.54
C THR A 321 1.58 -23.46 1.39
N PRO A 322 0.87 -22.34 1.58
CA PRO A 322 1.40 -21.28 2.44
C PRO A 322 1.70 -21.72 3.85
N ALA A 323 0.90 -22.62 4.41
CA ALA A 323 1.13 -23.08 5.78
C ALA A 323 2.44 -23.84 5.89
N ASN A 324 2.68 -24.77 4.96
CA ASN A 324 3.93 -25.53 5.00
C ASN A 324 5.13 -24.64 4.70
N LEU A 325 4.96 -23.66 3.81
CA LEU A 325 6.03 -22.72 3.55
C LEU A 325 6.38 -21.92 4.79
N THR A 326 5.36 -21.55 5.57
CA THR A 326 5.60 -20.79 6.79
C THR A 326 6.44 -21.61 7.77
N THR A 327 6.04 -22.84 8.04
CA THR A 327 6.78 -23.69 8.97
C THR A 327 8.22 -23.92 8.49
N ALA A 328 8.43 -24.02 7.18
CA ALA A 328 9.78 -24.20 6.66
C ALA A 328 10.62 -22.95 6.87
N VAL A 329 10.07 -21.78 6.53
CA VAL A 329 10.81 -20.54 6.71
C VAL A 329 11.12 -20.32 8.19
N GLU A 330 10.16 -20.62 9.06
CA GLU A 330 10.40 -20.49 10.50
C GLU A 330 11.56 -21.37 10.95
N GLN A 331 11.61 -22.61 10.46
CA GLN A 331 12.74 -23.48 10.79
C GLN A 331 14.02 -23.02 10.09
N TYR A 332 13.89 -22.35 8.94
CA TYR A 332 15.07 -21.84 8.25
C TYR A 332 15.69 -20.67 8.99
N ILE A 333 14.86 -19.71 9.43
CA ILE A 333 15.36 -18.58 10.19
C ILE A 333 15.96 -19.04 11.52
N SER A 334 15.33 -20.02 12.16
CA SER A 334 15.87 -20.55 13.41
C SER A 334 17.24 -21.19 13.19
N LEU A 335 17.46 -21.77 12.01
CA LEU A 335 18.75 -22.34 11.62
C LEU A 335 19.63 -21.33 10.88
N LYS A 336 19.27 -20.04 10.92
CA LYS A 336 20.08 -18.98 10.32
C LYS A 336 20.26 -19.17 8.81
N TYR A 337 19.28 -19.80 8.17
CA TYR A 337 19.32 -20.07 6.73
C TYR A 337 18.47 -19.02 6.02
N TYR A 338 18.98 -17.79 6.03
CA TYR A 338 18.22 -16.66 5.49
C TYR A 338 18.20 -16.66 3.97
N ALA A 339 19.39 -16.65 3.35
CA ALA A 339 19.48 -16.45 1.91
C ALA A 339 18.70 -17.51 1.14
N GLY A 340 18.77 -18.77 1.58
CA GLY A 340 18.05 -19.82 0.88
C GLY A 340 16.55 -19.67 0.98
N ALA A 341 16.05 -19.24 2.15
CA ALA A 341 14.62 -19.11 2.34
C ALA A 341 14.04 -18.03 1.42
N ILE A 342 14.80 -16.98 1.13
CA ILE A 342 14.32 -15.92 0.25
C ILE A 342 14.17 -16.44 -1.17
N GLN A 343 15.17 -17.18 -1.65
CA GLN A 343 15.10 -17.74 -3.01
C GLN A 343 13.90 -18.66 -3.16
N LEU A 344 13.57 -19.41 -2.11
CA LEU A 344 12.39 -20.27 -2.16
C LEU A 344 11.12 -19.45 -2.28
N CYS A 345 10.98 -18.41 -1.44
CA CYS A 345 9.81 -17.55 -1.51
C CYS A 345 9.64 -16.96 -2.91
N LEU A 346 10.74 -16.52 -3.51
CA LEU A 346 10.66 -15.98 -4.87
C LEU A 346 10.28 -17.05 -5.87
N THR A 347 10.75 -18.29 -5.67
CA THR A 347 10.38 -19.37 -6.57
C THR A 347 8.90 -19.67 -6.49
N VAL A 348 8.39 -19.91 -5.29
CA VAL A 348 6.97 -20.19 -5.11
C VAL A 348 6.12 -19.03 -5.63
N ALA A 349 6.53 -17.80 -5.31
CA ALA A 349 5.84 -16.63 -5.85
C ALA A 349 5.86 -16.63 -7.38
N GLN A 350 7.00 -17.00 -7.96
CA GLN A 350 7.10 -17.11 -9.41
C GLN A 350 6.32 -18.30 -9.94
N GLN A 351 6.27 -19.39 -9.18
CA GLN A 351 5.74 -20.64 -9.72
C GLN A 351 4.23 -20.59 -9.88
N LYS A 352 3.53 -19.87 -9.01
CA LYS A 352 2.07 -19.86 -9.07
C LYS A 352 1.57 -19.31 -10.40
N ASP A 353 2.31 -18.38 -11.00
CA ASP A 353 1.88 -17.70 -12.22
C ASP A 353 3.05 -17.67 -13.19
N ARG A 354 2.98 -18.50 -14.24
CA ARG A 354 3.99 -18.47 -15.28
C ARG A 354 3.95 -17.17 -16.06
N GLY A 355 2.76 -16.56 -16.19
CA GLY A 355 2.62 -15.34 -16.96
C GLY A 355 3.07 -14.09 -16.26
N ASN A 356 3.24 -14.14 -14.93
CA ASN A 356 3.62 -12.96 -14.15
C ASN A 356 2.57 -11.86 -14.30
N THR A 357 1.29 -12.25 -14.24
CA THR A 357 0.20 -11.33 -14.51
C THR A 357 0.25 -10.10 -13.61
N ALA A 358 0.85 -10.23 -12.42
CA ALA A 358 1.01 -9.07 -11.55
C ALA A 358 1.84 -7.97 -12.18
N LEU A 359 2.51 -8.24 -13.29
CA LEU A 359 3.26 -7.21 -14.01
C LEU A 359 2.31 -6.24 -14.69
N SER A 360 1.58 -6.72 -15.71
CA SER A 360 0.61 -5.88 -16.39
C SER A 360 -0.52 -5.45 -15.47
N TRP A 361 -0.76 -6.20 -14.39
CA TRP A 361 -1.78 -5.80 -13.41
C TRP A 361 -1.38 -4.50 -12.72
N VAL A 362 -0.16 -4.45 -12.18
CA VAL A 362 0.28 -3.29 -11.41
C VAL A 362 0.81 -2.18 -12.33
N ASN A 363 1.40 -2.54 -13.46
CA ASN A 363 1.94 -1.53 -14.36
C ASN A 363 0.83 -0.60 -14.88
N ASP A 364 -0.31 -1.18 -15.25
CA ASP A 364 -1.47 -0.37 -15.59
C ASP A 364 -2.04 0.32 -14.35
N GLY A 365 -2.35 -0.48 -13.31
CA GLY A 365 -2.64 0.07 -12.00
C GLY A 365 -4.06 -0.10 -11.49
N LYS A 366 -4.24 -1.02 -10.55
CA LYS A 366 -5.40 -1.06 -9.68
C LYS A 366 -6.71 -1.48 -10.36
N PRO A 367 -6.74 -2.57 -11.14
CA PRO A 367 -8.03 -3.18 -11.50
C PRO A 367 -8.56 -4.04 -10.35
N ALA A 368 -9.57 -3.53 -9.65
CA ALA A 368 -10.08 -4.18 -8.45
C ALA A 368 -11.26 -5.10 -8.80
N ASN A 369 -11.70 -5.86 -7.80
CA ASN A 369 -12.78 -6.83 -7.96
C ASN A 369 -12.51 -7.76 -9.15
N ASP A 370 -11.27 -8.25 -9.20
CA ASP A 370 -10.78 -9.08 -10.30
C ASP A 370 -10.37 -10.45 -9.76
N SER A 371 -10.10 -11.38 -10.68
CA SER A 371 -9.61 -12.70 -10.35
C SER A 371 -8.09 -12.78 -10.28
N ARG A 372 -7.40 -11.76 -10.79
CA ARG A 372 -5.94 -11.70 -10.67
C ARG A 372 -5.48 -11.35 -9.27
N LYS A 373 -6.40 -11.22 -8.31
CA LYS A 373 -6.05 -11.06 -6.90
C LYS A 373 -5.59 -12.37 -6.27
N LYS A 374 -5.31 -13.39 -7.09
CA LYS A 374 -4.62 -14.60 -6.66
C LYS A 374 -3.14 -14.55 -6.99
N ALA A 375 -2.77 -13.90 -8.09
CA ALA A 375 -1.36 -13.80 -8.48
C ALA A 375 -0.59 -12.94 -7.49
N PHE A 376 -0.99 -11.67 -7.35
CA PHE A 376 -0.25 -10.75 -6.50
C PHE A 376 -0.39 -11.10 -5.02
N ASP A 377 -1.55 -11.63 -4.61
CA ASP A 377 -1.76 -11.94 -3.20
C ASP A 377 -0.86 -13.09 -2.75
N GLU A 378 -0.94 -14.22 -3.45
CA GLU A 378 -0.10 -15.36 -3.11
C GLU A 378 1.38 -14.98 -3.16
N ARG A 379 1.74 -14.12 -4.10
CA ARG A 379 3.12 -13.62 -4.14
C ARG A 379 3.45 -12.85 -2.86
N LYS A 380 2.49 -12.07 -2.35
CA LYS A 380 2.76 -11.25 -1.17
C LYS A 380 2.84 -12.09 0.10
N ILE A 381 2.17 -13.24 0.12
CA ILE A 381 2.35 -14.17 1.23
C ILE A 381 3.82 -14.54 1.35
N CYS A 382 4.48 -14.75 0.22
CA CYS A 382 5.91 -15.04 0.23
C CYS A 382 6.73 -13.79 0.53
N TYR A 383 6.29 -12.63 0.04
CA TYR A 383 7.03 -11.39 0.28
C TYR A 383 7.01 -11.04 1.76
N ASN A 384 5.84 -11.15 2.40
CA ASN A 384 5.75 -10.87 3.83
C ASN A 384 6.68 -11.78 4.62
N LEU A 385 6.86 -13.03 4.17
CA LEU A 385 7.85 -13.89 4.79
C LEU A 385 9.25 -13.37 4.58
N ILE A 386 9.57 -12.95 3.35
CA ILE A 386 10.88 -12.35 3.08
C ILE A 386 11.08 -11.12 3.97
N HIS A 387 10.02 -10.33 4.15
CA HIS A 387 10.08 -9.20 5.07
C HIS A 387 10.40 -9.67 6.49
N GLN A 388 9.94 -10.85 6.86
CA GLN A 388 10.26 -11.41 8.18
C GLN A 388 11.68 -11.95 8.25
N VAL A 389 12.22 -12.42 7.13
CA VAL A 389 13.61 -12.86 7.10
C VAL A 389 14.53 -11.67 7.34
N LEU A 390 14.28 -10.55 6.66
CA LEU A 390 15.13 -9.37 6.79
C LEU A 390 14.99 -8.73 8.16
N ASP A 391 13.84 -8.91 8.82
CA ASP A 391 13.69 -8.44 10.19
C ASP A 391 14.62 -9.19 11.14
N LYS A 392 14.50 -10.52 11.15
CA LYS A 392 15.36 -11.33 12.01
C LYS A 392 16.81 -11.24 11.59
N LEU A 393 17.08 -10.95 10.31
CA LEU A 393 18.46 -10.83 9.84
C LEU A 393 19.13 -9.63 10.49
N GLU A 394 18.48 -8.46 10.46
CA GLU A 394 19.04 -7.29 11.12
C GLU A 394 18.87 -7.35 12.64
N SER A 395 17.80 -7.99 13.12
CA SER A 395 17.59 -8.10 14.56
C SER A 395 18.67 -8.95 15.20
N ASP A 396 18.98 -10.11 14.61
CA ASP A 396 20.03 -10.96 15.15
C ASP A 396 21.39 -10.29 15.03
N PHE A 397 21.72 -9.80 13.84
CA PHE A 397 23.04 -9.21 13.58
C PHE A 397 22.98 -7.69 13.69
N LEU A 410 30.94 -14.81 9.23
CA LEU A 410 29.85 -15.59 8.67
C LEU A 410 28.58 -14.76 8.60
N ALA A 411 28.41 -13.85 9.56
CA ALA A 411 27.24 -12.96 9.54
C ALA A 411 27.32 -11.98 8.39
N ALA A 412 28.49 -11.38 8.16
CA ALA A 412 28.69 -10.54 6.99
C ALA A 412 28.50 -11.33 5.70
N THR A 413 28.79 -12.64 5.74
CA THR A 413 28.56 -13.49 4.57
C THR A 413 27.09 -13.72 4.34
N LYS A 414 26.39 -14.28 5.35
CA LYS A 414 24.96 -14.51 5.22
C LYS A 414 24.21 -13.23 4.91
N ARG A 415 24.65 -12.10 5.48
CA ARG A 415 24.00 -10.83 5.20
C ARG A 415 24.19 -10.44 3.74
N MET A 416 25.42 -10.57 3.23
CA MET A 416 25.66 -10.23 1.83
C MET A 416 25.02 -11.25 0.90
N GLU A 417 25.12 -12.54 1.24
CA GLU A 417 24.45 -13.56 0.44
C GLU A 417 22.95 -13.37 0.41
N ALA A 418 22.40 -12.73 1.45
CA ALA A 418 20.97 -12.48 1.49
C ALA A 418 20.58 -11.33 0.58
N TYR A 419 21.17 -10.15 0.81
CA TYR A 419 20.86 -8.98 0.00
C TYR A 419 21.27 -9.14 -1.46
N ASN A 420 22.07 -10.15 -1.79
CA ASN A 420 22.39 -10.42 -3.18
C ASN A 420 21.21 -11.05 -3.90
N VAL A 421 20.60 -12.07 -3.28
CA VAL A 421 19.42 -12.71 -3.88
C VAL A 421 18.29 -11.70 -4.01
N VAL A 422 18.17 -10.79 -3.05
CA VAL A 422 17.11 -9.79 -3.08
C VAL A 422 17.27 -8.88 -4.29
N ASN A 423 18.39 -8.16 -4.35
CA ASN A 423 18.57 -7.16 -5.40
C ASN A 423 18.73 -7.79 -6.78
N ASP A 424 19.37 -8.96 -6.86
CA ASP A 424 19.54 -9.66 -8.12
C ASP A 424 18.31 -10.49 -8.52
N SER A 425 17.17 -10.27 -7.86
CA SER A 425 15.95 -10.98 -8.20
C SER A 425 15.33 -10.40 -9.47
N SER A 426 14.80 -11.29 -10.32
CA SER A 426 14.18 -10.87 -11.56
C SER A 426 12.75 -10.40 -11.36
N ASP A 427 12.05 -10.97 -10.38
CA ASP A 427 10.67 -10.59 -10.10
C ASP A 427 10.62 -9.15 -9.62
N GLU A 428 10.04 -8.27 -10.43
CA GLU A 428 9.93 -6.87 -10.04
C GLU A 428 8.74 -6.62 -9.12
N VAL A 429 7.69 -7.44 -9.22
CA VAL A 429 6.56 -7.33 -8.30
C VAL A 429 7.06 -7.50 -6.87
N PHE A 430 8.08 -8.32 -6.67
CA PHE A 430 8.74 -8.42 -5.38
C PHE A 430 9.47 -7.12 -5.03
N HIS A 431 10.25 -6.60 -5.99
CA HIS A 431 10.94 -5.34 -5.79
C HIS A 431 9.96 -4.23 -5.42
N PHE A 432 8.84 -4.15 -6.14
CA PHE A 432 7.82 -3.15 -5.81
C PHE A 432 7.26 -3.37 -4.42
N ASP A 433 7.03 -4.62 -4.05
CA ASP A 433 6.57 -4.92 -2.69
C ASP A 433 7.68 -4.68 -1.67
N LEU A 434 8.94 -4.75 -2.09
CA LEU A 434 10.06 -4.60 -1.16
C LEU A 434 10.34 -3.14 -0.84
N TYR A 435 10.36 -2.28 -1.88
CA TYR A 435 10.63 -0.87 -1.66
C TYR A 435 9.55 -0.24 -0.80
N GLU A 436 8.29 -0.65 -1.00
CA GLU A 436 7.21 -0.19 -0.14
C GLU A 436 7.47 -0.56 1.31
N TRP A 437 8.05 -1.74 1.53
CA TRP A 437 8.31 -2.20 2.89
C TRP A 437 9.51 -1.50 3.51
N TYR A 438 10.58 -1.31 2.73
CA TYR A 438 11.74 -0.56 3.22
C TYR A 438 11.33 0.84 3.66
N ILE A 439 10.64 1.57 2.79
CA ILE A 439 10.18 2.92 3.12
C ILE A 439 9.26 2.88 4.33
N GLU A 440 8.41 1.85 4.42
CA GLU A 440 7.54 1.68 5.57
C GLU A 440 8.35 1.57 6.86
N LYS A 441 9.55 1.01 6.79
CA LYS A 441 10.44 0.89 7.94
C LYS A 441 11.36 2.09 8.09
N GLY A 442 11.34 3.04 7.15
CA GLY A 442 12.23 4.18 7.21
C GLY A 442 13.64 3.89 6.76
N TRP A 443 13.86 2.75 6.08
CA TRP A 443 15.19 2.39 5.60
C TRP A 443 15.49 3.11 4.28
N THR A 444 15.45 4.44 4.36
CA THR A 444 15.65 5.26 3.16
C THR A 444 17.05 5.07 2.59
N ASP A 445 18.07 5.06 3.46
CA ASP A 445 19.44 4.94 2.98
C ASP A 445 19.65 3.64 2.19
N ARG A 446 18.93 2.57 2.55
CA ARG A 446 19.06 1.32 1.82
C ARG A 446 18.43 1.42 0.43
N ILE A 447 17.40 2.25 0.27
CA ILE A 447 16.81 2.46 -1.04
C ILE A 447 17.80 3.11 -2.00
N LEU A 448 18.43 4.20 -1.53
CA LEU A 448 19.27 5.00 -2.41
C LEU A 448 20.61 4.35 -2.69
N SER A 449 21.16 3.63 -1.70
CA SER A 449 22.40 2.89 -1.92
C SER A 449 22.21 1.76 -2.93
N ILE A 450 21.12 0.99 -2.78
CA ILE A 450 20.85 -0.07 -3.74
C ILE A 450 20.38 0.54 -5.05
N ASP A 451 20.77 -0.09 -6.14
CA ASP A 451 20.29 0.26 -7.47
C ASP A 451 19.72 -1.01 -8.08
N SER A 452 18.48 -0.93 -8.55
CA SER A 452 17.74 -2.09 -9.01
C SER A 452 17.06 -1.78 -10.33
N PRO A 453 16.54 -2.79 -11.03
CA PRO A 453 16.02 -2.52 -12.38
C PRO A 453 14.76 -1.67 -12.40
N HIS A 454 14.08 -1.52 -11.26
CA HIS A 454 12.80 -0.82 -11.21
C HIS A 454 12.70 0.17 -10.05
N VAL A 455 13.82 0.52 -9.41
CA VAL A 455 13.79 1.55 -8.38
C VAL A 455 13.34 2.88 -8.99
N ILE A 456 13.78 3.17 -10.21
CA ILE A 456 13.30 4.35 -10.92
C ILE A 456 11.87 4.11 -11.41
N THR A 457 11.63 2.98 -12.06
CA THR A 457 10.28 2.65 -12.54
C THR A 457 9.27 2.70 -11.40
N TYR A 458 9.66 2.26 -10.21
CA TYR A 458 8.74 2.22 -9.09
C TYR A 458 8.40 3.62 -8.59
N LEU A 459 9.42 4.40 -8.22
CA LEU A 459 9.17 5.74 -7.72
C LEU A 459 8.49 6.62 -8.76
N GLN A 460 8.75 6.35 -10.04
CA GLN A 460 8.12 7.15 -11.10
C GLN A 460 6.61 6.97 -11.13
N ARG A 461 6.11 5.83 -10.64
CA ARG A 461 4.67 5.61 -10.54
C ARG A 461 4.14 6.04 -9.18
N LEU A 462 4.82 5.66 -8.11
CA LEU A 462 4.38 6.03 -6.77
C LEU A 462 4.44 7.54 -6.56
N ALA A 463 5.63 8.12 -6.71
CA ALA A 463 5.80 9.55 -6.46
C ALA A 463 4.85 10.40 -7.28
N GLU A 464 4.53 9.97 -8.51
CA GLU A 464 3.68 10.77 -9.38
C GLU A 464 2.26 10.90 -8.83
N THR A 465 1.78 9.89 -8.11
CA THR A 465 0.45 9.90 -7.52
C THR A 465 0.48 9.76 -6.00
N ASP A 466 1.63 10.00 -5.38
CA ASP A 466 1.75 9.90 -3.93
C ASP A 466 2.82 10.88 -3.45
N PHE A 467 2.57 11.50 -2.30
CA PHE A 467 3.42 12.58 -1.81
C PHE A 467 4.74 12.07 -1.23
N ARG A 468 4.75 10.87 -0.65
CA ARG A 468 5.94 10.36 0.01
C ARG A 468 7.13 10.34 -0.94
N HIS A 469 7.01 9.54 -2.01
CA HIS A 469 8.14 9.30 -2.90
C HIS A 469 8.48 10.52 -3.73
N ALA A 470 7.51 11.42 -3.93
CA ALA A 470 7.81 12.70 -4.55
C ALA A 470 8.82 13.50 -3.75
N GLU A 471 9.02 13.15 -2.48
CA GLU A 471 10.08 13.71 -1.65
C GLU A 471 11.28 12.79 -1.54
N LEU A 472 11.07 11.48 -1.65
CA LEU A 472 12.17 10.53 -1.58
C LEU A 472 12.98 10.50 -2.87
N LEU A 473 12.30 10.53 -4.02
CA LEU A 473 13.03 10.62 -5.29
C LEU A 473 13.96 11.81 -5.30
N CYS A 474 13.50 12.95 -4.76
CA CYS A 474 14.34 14.14 -4.70
C CYS A 474 15.63 13.85 -3.95
N ARG A 475 15.50 13.34 -2.73
CA ARG A 475 16.69 12.91 -1.98
C ARG A 475 17.51 11.90 -2.76
N PHE A 476 16.85 11.03 -3.53
CA PHE A 476 17.58 10.15 -4.43
C PHE A 476 18.24 10.93 -5.55
N TYR A 477 17.56 11.95 -6.07
CA TYR A 477 18.13 12.78 -7.13
C TYR A 477 19.36 13.54 -6.64
N THR A 478 19.32 14.05 -5.40
CA THR A 478 20.49 14.71 -4.83
C THR A 478 21.73 13.82 -4.94
N THR A 479 21.62 12.60 -4.42
CA THR A 479 22.73 11.66 -4.51
C THR A 479 23.04 11.29 -5.96
N ARG A 480 22.00 11.13 -6.79
CA ARG A 480 22.20 10.90 -8.21
C ARG A 480 22.67 12.17 -8.93
N SER A 481 22.58 13.33 -8.29
CA SER A 481 23.13 14.58 -8.78
C SER A 481 22.35 15.16 -9.96
N ARG A 482 21.11 14.70 -10.18
CA ARG A 482 20.21 15.35 -11.13
C ARG A 482 19.51 16.52 -10.43
N PHE A 483 20.31 17.53 -10.10
CA PHE A 483 19.82 18.63 -9.27
C PHE A 483 18.71 19.42 -9.96
N PHE A 484 18.85 19.63 -11.27
CA PHE A 484 17.84 20.41 -12.00
C PHE A 484 16.46 19.78 -11.87
N GLU A 485 16.37 18.47 -12.09
CA GLU A 485 15.07 17.81 -12.10
C GLU A 485 14.39 17.88 -10.74
N ALA A 486 15.16 17.88 -9.66
CA ALA A 486 14.58 17.94 -8.32
C ALA A 486 13.70 19.18 -8.16
N ALA A 487 14.14 20.31 -8.70
CA ALA A 487 13.31 21.51 -8.65
C ALA A 487 12.06 21.34 -9.50
N GLN A 488 12.21 20.79 -10.72
CA GLN A 488 11.05 20.60 -11.59
C GLN A 488 10.02 19.68 -10.96
N VAL A 489 10.48 18.58 -10.34
CA VAL A 489 9.56 17.72 -9.60
C VAL A 489 8.92 18.51 -8.46
N GLN A 490 9.75 19.11 -7.60
CA GLN A 490 9.24 19.93 -6.51
C GLN A 490 8.34 21.05 -7.03
N THR A 491 8.57 21.50 -8.26
CA THR A 491 7.70 22.51 -8.87
C THR A 491 6.38 21.88 -9.29
N ASN A 492 6.42 20.91 -10.20
CA ASN A 492 5.21 20.22 -10.59
C ASN A 492 4.55 19.53 -9.41
N LEU A 493 5.30 19.26 -8.34
CA LEU A 493 4.71 18.69 -7.14
C LEU A 493 3.87 19.72 -6.40
N ALA A 494 4.44 20.92 -6.18
CA ALA A 494 3.68 21.97 -5.52
C ALA A 494 2.50 22.45 -6.35
N LYS A 495 2.56 22.27 -7.68
CA LYS A 495 1.48 22.64 -8.59
C LYS A 495 0.47 21.51 -8.79
N SER A 496 0.70 20.35 -8.19
CA SER A 496 -0.14 19.19 -8.43
C SER A 496 -1.45 19.31 -7.67
N ASP A 497 -2.31 18.30 -7.85
CA ASP A 497 -3.59 18.20 -7.16
C ASP A 497 -3.54 17.20 -6.00
N LEU A 498 -2.33 16.86 -5.53
CA LEU A 498 -2.19 15.94 -4.42
C LEU A 498 -2.63 16.60 -3.12
N ASN A 499 -2.75 15.78 -2.08
CA ASN A 499 -3.16 16.24 -0.75
C ASN A 499 -1.91 16.77 -0.03
N ILE A 500 -1.62 18.05 -0.23
CA ILE A 500 -0.44 18.69 0.34
C ILE A 500 -0.89 19.99 1.00
N SER A 501 -0.54 20.16 2.27
CA SER A 501 -0.87 21.40 2.97
C SER A 501 -0.16 22.57 2.30
N LEU A 502 -0.74 23.76 2.46
CA LEU A 502 -0.17 24.95 1.84
C LEU A 502 1.27 25.19 2.29
N LYS A 503 1.55 24.94 3.57
CA LYS A 503 2.89 25.19 4.09
C LYS A 503 3.90 24.18 3.57
N ASP A 504 3.46 22.95 3.29
CA ASP A 504 4.35 21.97 2.67
C ASP A 504 4.67 22.35 1.23
N ARG A 505 3.68 22.90 0.51
CA ARG A 505 3.94 23.38 -0.85
C ARG A 505 4.91 24.55 -0.84
N ILE A 506 4.92 25.35 0.22
CA ILE A 506 5.91 26.42 0.35
C ILE A 506 7.30 25.83 0.46
N ILE A 507 7.43 24.72 1.19
CA ILE A 507 8.74 24.08 1.36
C ILE A 507 9.24 23.58 0.00
N LEU A 508 8.37 22.94 -0.77
CA LEU A 508 8.77 22.43 -2.08
C LEU A 508 9.25 23.56 -2.99
N LEU A 509 8.53 24.68 -2.99
CA LEU A 509 8.93 25.81 -3.81
C LEU A 509 10.18 26.48 -3.26
N SER A 510 10.32 26.53 -1.93
CA SER A 510 11.53 27.07 -1.33
C SER A 510 12.74 26.21 -1.68
N ARG A 511 12.55 24.88 -1.71
CA ARG A 511 13.61 23.99 -2.15
C ARG A 511 13.78 24.08 -3.66
N ALA A 512 12.68 24.09 -4.40
CA ALA A 512 12.76 24.17 -5.86
C ALA A 512 13.46 25.44 -6.31
N LYS A 513 13.16 26.57 -5.66
CA LYS A 513 13.86 27.81 -5.95
C LYS A 513 15.35 27.72 -5.62
N GLY A 514 15.72 26.82 -4.69
CA GLY A 514 17.11 26.67 -4.28
C GLY A 514 17.84 25.54 -4.97
N ASN A 515 17.13 24.53 -5.46
CA ASN A 515 17.78 23.34 -6.00
C ASN A 515 18.41 23.63 -7.36
N ALA A 516 17.62 24.12 -8.31
CA ALA A 516 18.15 24.31 -9.66
C ALA A 516 19.25 25.37 -9.70
N SER A 517 19.20 26.35 -8.80
CA SER A 517 20.08 27.52 -8.88
C SER A 517 21.52 27.24 -8.47
N VAL A 518 21.85 26.06 -7.98
CA VAL A 518 23.16 25.86 -7.34
C VAL A 518 24.17 25.22 -8.28
N ASN A 519 23.78 24.21 -9.06
CA ASN A 519 24.78 23.34 -9.69
C ASN A 519 25.81 24.14 -10.49
N THR A 520 25.35 24.97 -11.43
CA THR A 520 26.16 25.77 -12.36
C THR A 520 26.57 24.93 -13.57
N ILE A 521 26.18 23.65 -13.62
CA ILE A 521 26.41 22.79 -14.79
C ILE A 521 25.15 22.63 -15.62
N GLY A 522 23.99 23.06 -15.09
CA GLY A 522 22.73 23.01 -15.79
C GLY A 522 22.81 23.46 -17.23
N ILE A 523 22.03 22.81 -18.10
CA ILE A 523 22.32 22.88 -19.53
C ILE A 523 22.06 24.28 -20.06
N SER A 524 20.90 24.86 -19.73
CA SER A 524 20.48 26.14 -20.29
C SER A 524 20.16 27.08 -19.13
N ARG A 525 20.92 28.17 -19.05
CA ARG A 525 20.63 29.20 -18.05
C ARG A 525 19.35 29.95 -18.40
N GLN A 526 19.06 30.09 -19.70
CA GLN A 526 17.81 30.71 -20.12
C GLN A 526 16.60 29.90 -19.70
N GLN A 527 16.76 28.58 -19.53
CA GLN A 527 15.71 27.72 -19.03
C GLN A 527 15.73 27.60 -17.52
N GLN A 528 16.92 27.69 -16.92
CA GLN A 528 17.05 27.65 -15.47
C GLN A 528 16.34 28.84 -14.84
N GLN A 529 16.66 30.05 -15.29
CA GLN A 529 16.03 31.24 -14.73
C GLN A 529 14.52 31.23 -14.94
N GLN A 530 14.05 30.53 -15.98
CA GLN A 530 12.61 30.40 -16.18
C GLN A 530 11.98 29.59 -15.06
N LEU A 531 12.64 28.50 -14.66
CA LEU A 531 12.12 27.71 -13.54
C LEU A 531 12.25 28.48 -12.23
N ASN A 532 13.38 29.16 -12.03
CA ASN A 532 13.56 29.95 -10.81
C ASN A 532 12.53 31.06 -10.72
N HIS A 533 12.28 31.75 -11.84
CA HIS A 533 11.27 32.81 -11.85
C HIS A 533 9.88 32.22 -11.62
N GLU A 534 9.59 31.07 -12.24
CA GLU A 534 8.31 30.43 -12.02
C GLU A 534 8.14 30.03 -10.55
N ALA A 535 9.21 29.59 -9.91
CA ALA A 535 9.15 29.21 -8.51
C ALA A 535 9.09 30.43 -7.60
N SER A 536 9.81 31.50 -7.96
CA SER A 536 9.77 32.72 -7.15
C SER A 536 8.37 33.32 -7.14
N GLU A 537 7.68 33.28 -8.27
CA GLU A 537 6.32 33.82 -8.34
C GLU A 537 5.37 33.01 -7.49
N LEU A 538 5.40 31.68 -7.62
CA LEU A 538 4.51 30.82 -6.84
C LEU A 538 4.78 30.96 -5.35
N LEU A 539 6.06 31.09 -4.98
CA LEU A 539 6.40 31.28 -3.57
C LEU A 539 5.83 32.58 -3.04
N GLU A 540 5.80 33.63 -3.87
CA GLU A 540 5.22 34.90 -3.45
C GLU A 540 3.72 34.77 -3.25
N ILE A 541 3.03 34.10 -4.18
CA ILE A 541 1.58 33.94 -4.05
C ILE A 541 1.24 33.04 -2.87
N ALA A 542 2.09 32.02 -2.63
CA ALA A 542 1.82 31.09 -1.54
C ALA A 542 1.93 31.77 -0.18
N HIS A 543 2.95 32.63 -0.01
CA HIS A 543 3.11 33.35 1.25
C HIS A 543 1.91 34.27 1.51
N ILE A 544 1.47 34.97 0.47
CA ILE A 544 0.30 35.84 0.62
C ILE A 544 -0.92 35.00 1.02
N GLN A 545 -1.11 33.86 0.36
CA GLN A 545 -2.23 32.99 0.69
C GLN A 545 -2.08 32.43 2.10
N ASP A 546 -0.85 32.11 2.50
CA ASP A 546 -0.61 31.57 3.84
C ASP A 546 -0.85 32.62 4.90
N ASP A 547 -0.31 33.83 4.69
CA ASP A 547 -0.59 34.93 5.62
C ASP A 547 -2.08 35.27 5.63
N LEU A 548 -2.73 35.17 4.47
CA LEU A 548 -4.17 35.41 4.41
C LEU A 548 -4.92 34.37 5.23
N LEU A 549 -4.56 33.10 5.08
CA LEU A 549 -5.22 32.05 5.87
C LEU A 549 -4.96 32.23 7.35
N GLU A 550 -3.75 32.65 7.71
CA GLU A 550 -3.41 32.82 9.13
C GLU A 550 -4.27 33.91 9.77
N ARG A 551 -4.37 35.06 9.10
CA ARG A 551 -5.15 36.16 9.66
C ARG A 551 -6.65 35.85 9.64
N LEU A 552 -7.11 35.15 8.61
CA LEU A 552 -8.55 34.85 8.50
C LEU A 552 -8.99 33.90 9.60
N VAL A 553 -8.23 32.82 9.82
CA VAL A 553 -8.61 31.85 10.85
C VAL A 553 -8.61 32.49 12.22
N ALA A 554 -7.74 33.46 12.45
CA ALA A 554 -7.58 34.09 13.76
C ALA A 554 -8.43 35.36 13.91
N ASP A 555 -9.28 35.68 12.94
CA ASP A 555 -10.05 36.91 12.99
C ASP A 555 -11.31 36.70 13.84
N PRO A 556 -11.53 37.48 14.89
CA PRO A 556 -12.79 37.33 15.65
C PRO A 556 -14.01 37.75 14.86
N ARG A 557 -13.93 38.85 14.11
CA ARG A 557 -15.08 39.36 13.37
C ARG A 557 -15.56 38.40 12.30
N ILE A 558 -14.80 37.35 12.01
CA ILE A 558 -15.21 36.31 11.07
C ILE A 558 -15.97 35.24 11.86
N PRO A 559 -17.17 34.82 11.43
CA PRO A 559 -17.85 33.74 12.14
C PRO A 559 -17.17 32.41 11.92
N GLU A 560 -17.35 31.50 12.88
CA GLU A 560 -16.65 30.21 12.84
C GLU A 560 -17.21 29.30 11.75
N GLU A 561 -18.49 29.45 11.41
CA GLU A 561 -19.07 28.66 10.32
C GLU A 561 -18.40 28.93 8.98
N ARG A 562 -17.72 30.08 8.85
CA ARG A 562 -16.99 30.42 7.63
C ARG A 562 -15.52 30.03 7.69
N LYS A 563 -14.93 30.03 8.89
CA LYS A 563 -13.50 29.73 9.02
C LYS A 563 -13.19 28.30 8.60
N ALA A 564 -14.13 27.37 8.79
CA ALA A 564 -13.92 26.00 8.34
C ALA A 564 -13.82 25.94 6.81
N GLU A 565 -14.62 26.75 6.12
CA GLU A 565 -14.58 26.79 4.67
C GLU A 565 -13.36 27.55 4.14
N ILE A 566 -12.88 28.54 4.90
CA ILE A 566 -11.67 29.26 4.51
C ILE A 566 -10.48 28.32 4.51
N GLU A 567 -10.23 27.66 5.65
CA GLU A 567 -9.13 26.72 5.74
C GLU A 567 -9.34 25.51 4.84
N GLU A 568 -10.57 25.28 4.37
CA GLU A 568 -10.82 24.21 3.42
C GLU A 568 -10.38 24.59 2.02
N PHE A 569 -10.57 25.85 1.65
CA PHE A 569 -10.27 26.33 0.30
C PHE A 569 -8.86 26.89 0.18
N LEU A 570 -8.30 27.39 1.27
CA LEU A 570 -6.97 28.02 1.24
C LEU A 570 -5.86 27.04 1.60
N ASP A 571 -6.00 26.30 2.69
CA ASP A 571 -4.95 25.39 3.16
C ASP A 571 -4.83 24.22 2.19
N GLY A 572 -4.14 24.46 1.08
CA GLY A 572 -3.95 23.46 0.07
C GLY A 572 -3.27 24.02 -1.16
N PRO A 573 -3.80 23.75 -2.35
CA PRO A 573 -3.16 24.29 -3.56
C PRO A 573 -3.24 25.80 -3.61
N ILE A 574 -2.29 26.39 -4.32
CA ILE A 574 -2.19 27.85 -4.40
C ILE A 574 -3.26 28.38 -5.36
N ARG A 575 -3.87 29.49 -4.99
CA ARG A 575 -4.91 30.13 -5.79
C ARG A 575 -4.35 31.27 -6.63
N THR A 576 -5.19 31.77 -7.53
CA THR A 576 -4.83 32.91 -8.34
C THR A 576 -4.95 34.19 -7.52
N LEU A 577 -4.11 35.17 -7.86
CA LEU A 577 -4.17 36.46 -7.19
C LEU A 577 -5.54 37.10 -7.34
N THR A 578 -6.26 36.78 -8.43
CA THR A 578 -7.61 37.28 -8.61
C THR A 578 -8.56 36.66 -7.58
N ASP A 579 -8.44 35.34 -7.37
CA ASP A 579 -9.28 34.69 -6.38
C ASP A 579 -8.97 35.19 -4.97
N LEU A 580 -7.69 35.17 -4.60
CA LEU A 580 -7.32 35.62 -3.26
C LEU A 580 -7.83 37.03 -2.99
N PHE A 581 -7.78 37.89 -4.00
CA PHE A 581 -8.19 39.29 -3.81
C PHE A 581 -9.70 39.41 -3.71
N ASN A 582 -10.42 38.92 -4.73
CA ASN A 582 -11.87 39.13 -4.78
C ASN A 582 -12.59 38.27 -3.76
N ASP A 583 -12.14 37.02 -3.56
CA ASP A 583 -12.86 36.11 -2.68
C ASP A 583 -12.96 36.68 -1.26
N TYR A 584 -11.82 36.94 -0.63
CA TYR A 584 -11.78 37.35 0.77
C TYR A 584 -11.03 38.64 0.99
N ALA A 585 -9.79 38.76 0.49
CA ALA A 585 -8.93 39.91 0.76
C ALA A 585 -9.69 41.24 0.67
N ASP A 586 -10.38 41.48 -0.44
CA ASP A 586 -11.15 42.71 -0.59
C ASP A 586 -12.27 42.77 0.44
N GLN A 587 -12.99 41.65 0.63
CA GLN A 587 -14.08 41.63 1.60
C GLN A 587 -13.56 41.78 3.03
N ALA A 588 -12.35 41.28 3.31
CA ALA A 588 -11.78 41.35 4.64
C ALA A 588 -11.11 42.68 4.95
N ASN A 589 -11.00 43.57 3.96
CA ASN A 589 -10.38 44.88 4.15
C ASN A 589 -8.93 44.75 4.61
N TYR A 590 -8.27 43.66 4.24
CA TYR A 590 -6.83 43.49 4.50
C TYR A 590 -6.09 44.28 3.44
N TYR A 591 -6.08 45.61 3.62
CA TYR A 591 -5.50 46.49 2.62
C TYR A 591 -4.01 46.23 2.42
N ASP A 592 -3.30 45.84 3.49
CA ASP A 592 -1.89 45.54 3.35
C ASP A 592 -1.68 44.34 2.42
N LEU A 593 -2.48 43.29 2.58
CA LEU A 593 -2.37 42.14 1.69
C LEU A 593 -2.82 42.50 0.27
N CYS A 594 -3.82 43.38 0.14
CA CYS A 594 -4.23 43.83 -1.18
C CYS A 594 -3.09 44.55 -1.89
N LEU A 595 -2.29 45.33 -1.16
CA LEU A 595 -1.15 45.99 -1.75
C LEU A 595 -0.11 44.98 -2.21
N LEU A 596 0.11 43.92 -1.43
CA LEU A 596 1.04 42.87 -1.84
C LEU A 596 0.53 42.16 -3.09
N ILE A 597 -0.79 41.98 -3.20
CA ILE A 597 -1.37 41.39 -4.40
C ILE A 597 -1.15 42.31 -5.60
N PHE A 598 -1.32 43.62 -5.39
CA PHE A 598 -1.10 44.57 -6.47
C PHE A 598 0.36 44.61 -6.90
N HIS A 599 1.29 44.40 -5.97
CA HIS A 599 2.70 44.34 -6.33
C HIS A 599 3.01 43.05 -7.09
N ALA A 600 2.46 41.92 -6.63
CA ALA A 600 2.74 40.64 -7.27
C ALA A 600 2.13 40.57 -8.67
N ALA A 601 1.04 41.31 -8.91
CA ALA A 601 0.33 41.26 -10.19
C ALA A 601 0.73 42.37 -11.15
N ASP A 602 1.58 43.32 -10.73
CA ASP A 602 1.97 44.46 -11.57
C ASP A 602 0.74 45.24 -12.05
N PHE A 603 -0.34 45.21 -11.27
CA PHE A 603 -1.57 45.89 -11.65
C PHE A 603 -1.35 47.40 -11.75
N HIS A 604 -1.71 47.97 -12.91
CA HIS A 604 -1.42 49.36 -13.24
C HIS A 604 -2.70 50.18 -13.07
N ASN A 605 -3.02 50.50 -11.81
CA ASN A 605 -4.11 51.44 -11.50
C ASN A 605 -3.68 52.26 -10.28
N PRO A 606 -2.85 53.28 -10.49
CA PRO A 606 -2.35 54.08 -9.36
C PRO A 606 -3.44 54.66 -8.48
N ARG A 607 -4.65 54.87 -9.00
CA ARG A 607 -5.72 55.46 -8.19
C ARG A 607 -6.24 54.47 -7.16
N THR A 608 -6.49 53.22 -7.58
CA THR A 608 -6.90 52.21 -6.61
C THR A 608 -5.78 51.88 -5.63
N ILE A 609 -4.52 51.99 -6.08
CA ILE A 609 -3.40 51.80 -5.17
C ILE A 609 -3.43 52.85 -4.07
N LEU A 610 -3.55 54.12 -4.46
CA LEU A 610 -3.50 55.20 -3.47
C LEU A 610 -4.70 55.16 -2.54
N ASP A 611 -5.88 54.80 -3.06
CA ASP A 611 -7.06 54.69 -2.20
C ASP A 611 -6.88 53.59 -1.16
N THR A 612 -6.20 52.51 -1.54
CA THR A 612 -5.92 51.44 -0.59
C THR A 612 -4.91 51.88 0.47
N TRP A 613 -3.90 52.67 0.05
CA TRP A 613 -2.95 53.22 1.01
C TRP A 613 -3.66 54.08 2.04
N ASN A 614 -4.57 54.95 1.59
CA ASN A 614 -5.28 55.83 2.51
C ASN A 614 -6.16 55.02 3.46
N ASN A 615 -6.83 53.98 2.94
CA ASN A 615 -7.64 53.12 3.80
C ASN A 615 -6.77 52.35 4.79
N LEU A 616 -5.56 51.97 4.38
CA LEU A 616 -4.63 51.33 5.31
C LEU A 616 -4.24 52.26 6.43
N ILE A 617 -3.94 53.53 6.10
CA ILE A 617 -3.51 54.49 7.11
C ILE A 617 -4.64 54.76 8.11
N ASN A 618 -5.86 55.00 7.60
CA ASN A 618 -6.98 55.35 8.47
C ASN A 618 -7.41 54.17 9.33
N GLN A 619 -7.28 52.95 8.82
CA GLN A 619 -7.63 51.78 9.61
C GLN A 619 -6.58 51.54 10.70
N SER A 620 -5.30 51.67 10.36
CA SER A 620 -4.24 51.49 11.35
C SER A 620 -4.33 52.55 12.43
N HIS A 621 -4.72 53.77 12.06
CA HIS A 621 -4.90 54.82 13.05
C HIS A 621 -6.10 54.57 13.94
N PHE A 622 -7.18 54.01 13.36
CA PHE A 622 -8.37 53.73 14.14
C PHE A 622 -8.12 52.69 15.21
N GLU A 623 -7.45 51.59 14.85
CA GLU A 623 -7.14 50.54 15.82
C GLU A 623 -6.10 51.01 16.82
N ALA A 624 -5.08 51.74 16.36
CA ALA A 624 -4.04 52.21 17.25
C ALA A 624 -4.58 53.22 18.27
N GLU A 625 -5.56 54.03 17.86
CA GLU A 625 -6.21 54.93 18.82
C GLU A 625 -7.05 54.17 19.82
N GLN A 626 -7.63 53.04 19.42
CA GLN A 626 -8.44 52.26 20.34
C GLN A 626 -7.59 51.51 21.35
N ARG A 627 -6.38 51.07 20.95
CA ARG A 627 -5.49 50.40 21.89
C ARG A 627 -4.79 51.39 22.81
N ARG A 628 -4.47 52.60 22.33
CA ARG A 628 -3.93 53.63 23.21
C ARG A 628 -4.95 54.07 24.24
N GLU A 629 -6.24 54.08 23.88
CA GLU A 629 -7.28 54.47 24.82
C GLU A 629 -7.45 53.42 25.92
N TYR A 630 -7.39 52.13 25.55
CA TYR A 630 -7.53 51.08 26.55
C TYR A 630 -6.34 51.02 27.49
N TRP A 631 -5.14 51.34 27.00
CA TRP A 631 -3.97 51.35 27.86
C TRP A 631 -4.02 52.52 28.85
N GLU A 632 -4.44 53.69 28.38
CA GLU A 632 -4.57 54.84 29.27
C GLU A 632 -5.61 54.58 30.36
N ILE A 633 -6.63 53.76 30.06
CA ILE A 633 -7.63 53.38 31.05
C ILE A 633 -7.03 52.39 32.05
N ALA A 649 1.30 46.05 28.05
CA ALA A 649 2.37 47.00 27.80
C ALA A 649 1.85 48.22 27.04
N GLU A 650 2.59 49.32 27.12
CA GLU A 650 2.21 50.57 26.46
C GLU A 650 2.23 50.38 24.94
N PRO A 651 1.10 50.45 24.25
CA PRO A 651 1.12 50.29 22.79
C PRO A 651 1.65 51.54 22.12
N PRO A 652 2.06 51.43 20.85
CA PRO A 652 2.61 52.61 20.16
C PRO A 652 1.53 53.62 19.83
N LEU A 653 1.96 54.87 19.67
CA LEU A 653 1.05 55.91 19.24
C LEU A 653 0.59 55.63 17.81
N PRO A 654 -0.49 56.28 17.37
CA PRO A 654 -1.06 55.94 16.05
C PRO A 654 -0.04 56.03 14.91
N TYR A 655 0.70 57.14 14.82
CA TYR A 655 1.63 57.30 13.71
C TYR A 655 2.73 56.25 13.72
N VAL A 656 3.15 55.83 14.92
CA VAL A 656 4.14 54.75 15.01
C VAL A 656 3.58 53.47 14.41
N TYR A 657 2.33 53.15 14.75
CA TYR A 657 1.70 51.95 14.20
C TYR A 657 1.48 52.07 12.70
N VAL A 658 1.17 53.28 12.22
CA VAL A 658 1.06 53.51 10.78
C VAL A 658 2.43 53.38 10.13
N SER A 659 3.46 53.98 10.73
CA SER A 659 4.81 53.88 10.18
C SER A 659 5.26 52.43 10.13
N GLN A 660 4.85 51.61 11.11
CA GLN A 660 5.24 50.20 11.12
C GLN A 660 4.61 49.44 9.97
N GLN A 661 3.34 49.74 9.66
CA GLN A 661 2.67 49.03 8.56
C GLN A 661 3.28 49.39 7.21
N ILE A 662 3.69 50.65 7.05
CA ILE A 662 4.34 51.06 5.81
C ILE A 662 5.69 50.36 5.67
N GLN A 663 6.49 50.37 6.74
CA GLN A 663 7.81 49.75 6.70
C GLN A 663 7.73 48.25 6.47
N LEU A 664 6.68 47.59 7.00
CA LEU A 664 6.49 46.18 6.73
C LEU A 664 6.29 45.93 5.24
N ILE A 665 5.52 46.80 4.58
CA ILE A 665 5.32 46.68 3.14
C ILE A 665 6.56 47.15 2.39
N ALA A 666 7.24 48.17 2.91
CA ALA A 666 8.40 48.73 2.23
C ALA A 666 9.60 47.79 2.28
N HIS A 667 9.69 46.97 3.32
CA HIS A 667 10.78 46.00 3.43
C HIS A 667 10.46 44.68 2.76
N ARG A 668 9.18 44.30 2.69
CA ARG A 668 8.78 43.07 2.01
C ARG A 668 8.81 43.25 0.49
N THR A 669 8.35 44.40 0.01
CA THR A 669 8.34 44.71 -1.42
C THR A 669 9.40 45.77 -1.70
N SER A 670 10.23 45.52 -2.70
CA SER A 670 11.26 46.48 -3.07
C SER A 670 10.62 47.82 -3.44
N LEU A 671 11.35 48.89 -3.19
CA LEU A 671 10.83 50.25 -3.38
C LEU A 671 10.82 50.64 -4.86
N ASP A 672 10.10 49.86 -5.64
CA ASP A 672 9.96 50.15 -7.06
C ASP A 672 9.05 51.37 -7.26
N SER A 673 9.25 52.04 -8.40
CA SER A 673 8.50 53.27 -8.67
C SER A 673 7.03 52.98 -8.91
N LEU A 674 6.71 51.89 -9.61
CA LEU A 674 5.32 51.55 -9.90
C LEU A 674 4.61 51.01 -8.66
N ILE A 675 5.31 50.25 -7.84
CA ILE A 675 4.67 49.57 -6.72
C ILE A 675 4.40 50.56 -5.58
N PHE A 676 5.25 51.56 -5.41
CA PHE A 676 5.13 52.56 -4.36
C PHE A 676 5.34 53.93 -4.98
N PRO A 677 4.31 54.78 -5.08
CA PRO A 677 4.49 56.11 -5.68
C PRO A 677 4.83 57.18 -4.64
N VAL A 678 6.07 57.68 -4.67
CA VAL A 678 6.48 58.69 -3.71
C VAL A 678 5.72 60.00 -3.95
N ASN A 679 5.57 60.38 -5.22
CA ASN A 679 4.99 61.69 -5.54
C ASN A 679 3.53 61.78 -5.15
N SER A 680 2.83 60.66 -5.01
CA SER A 680 1.41 60.65 -4.67
C SER A 680 1.12 60.14 -3.27
N LEU A 681 2.00 59.33 -2.69
CA LEU A 681 1.76 58.69 -1.40
C LEU A 681 2.33 59.49 -0.24
N LEU A 682 3.42 60.22 -0.45
CA LEU A 682 3.96 61.07 0.62
C LEU A 682 2.97 62.16 1.03
N PRO A 683 2.27 62.84 0.11
CA PRO A 683 1.24 63.79 0.54
C PRO A 683 0.16 63.17 1.40
N VAL A 684 -0.15 61.89 1.20
CA VAL A 684 -1.19 61.23 1.99
C VAL A 684 -0.72 61.04 3.43
N VAL A 685 0.50 60.54 3.60
CA VAL A 685 1.05 60.36 4.95
C VAL A 685 1.27 61.71 5.62
N CYS A 686 1.72 62.70 4.85
CA CYS A 686 1.84 64.05 5.39
C CYS A 686 0.48 64.61 5.77
N ALA A 687 -0.55 64.34 4.95
CA ALA A 687 -1.90 64.75 5.30
C ALA A 687 -2.39 64.03 6.56
N TYR A 688 -2.05 62.74 6.69
CA TYR A 688 -2.42 61.99 7.89
C TYR A 688 -1.72 62.55 9.12
N ALA A 689 -0.43 62.90 8.99
CA ALA A 689 0.31 63.45 10.11
C ALA A 689 -0.31 64.76 10.59
N ILE A 690 -0.94 65.51 9.69
CA ILE A 690 -1.57 66.78 10.04
C ILE A 690 -3.01 66.56 10.49
N ASN A 691 -3.80 65.83 9.70
CA ASN A 691 -5.24 65.71 9.97
C ASN A 691 -5.49 65.07 11.32
N ASN A 692 -4.69 64.08 11.69
CA ASN A 692 -4.84 63.38 12.96
C ASN A 692 -3.97 63.94 14.07
N GLY A 693 -3.29 65.07 13.81
CA GLY A 693 -2.50 65.70 14.84
C GLY A 693 -1.32 64.88 15.32
N GLN A 694 -0.76 64.03 14.46
CA GLN A 694 0.38 63.19 14.83
C GLN A 694 1.65 64.03 14.69
N ASP A 695 1.95 64.78 15.75
CA ASP A 695 3.10 65.67 15.75
C ASP A 695 3.52 65.92 17.19
N ALA A 696 4.17 67.07 17.44
CA ALA A 696 4.60 67.41 18.79
C ALA A 696 3.45 67.47 19.78
N SER A 697 2.21 67.62 19.30
CA SER A 697 1.05 67.66 20.17
C SER A 697 0.69 66.30 20.75
N ILE A 698 1.48 65.26 20.47
CA ILE A 698 1.31 63.96 21.10
C ILE A 698 2.69 63.41 21.47
N GLY A 699 3.69 64.30 21.54
CA GLY A 699 5.05 63.91 21.83
C GLY A 699 5.83 63.38 20.64
N ALA A 700 5.25 63.40 19.45
CA ALA A 700 5.88 62.86 18.25
C ALA A 700 6.74 63.91 17.56
N ASP A 701 7.76 63.44 16.86
CA ASP A 701 8.57 64.34 16.04
C ASP A 701 7.69 64.88 14.91
N PRO A 702 7.51 66.19 14.79
CA PRO A 702 6.66 66.71 13.70
C PRO A 702 7.12 66.28 12.31
N CYS A 703 8.37 65.86 12.17
CA CYS A 703 8.92 65.43 10.90
C CYS A 703 9.02 63.92 10.78
N TRP A 704 8.15 63.18 11.47
CA TRP A 704 8.17 61.73 11.43
C TRP A 704 7.79 61.19 10.04
N PRO A 705 6.96 61.89 9.25
CA PRO A 705 6.68 61.37 7.90
C PRO A 705 7.89 61.46 6.98
N ILE A 706 8.71 62.50 7.12
CA ILE A 706 9.89 62.66 6.29
C ILE A 706 10.98 61.69 6.73
N GLN A 707 11.21 61.58 8.04
CA GLN A 707 12.18 60.62 8.55
C GLN A 707 11.78 59.20 8.16
N LEU A 708 10.49 58.91 8.16
CA LEU A 708 10.02 57.58 7.78
C LEU A 708 10.42 57.25 6.34
N PHE A 709 10.27 58.20 5.42
CA PHE A 709 10.60 57.94 4.03
C PHE A 709 12.11 57.87 3.83
N LEU A 710 12.85 58.81 4.41
CA LEU A 710 14.30 58.85 4.21
C LEU A 710 14.97 57.60 4.78
N ASN A 711 14.51 57.13 5.94
CA ASN A 711 15.10 55.94 6.53
C ASN A 711 14.71 54.67 5.78
N LEU A 712 13.70 54.71 4.92
CA LEU A 712 13.35 53.57 4.10
C LEU A 712 14.24 53.43 2.88
N GLY A 713 14.91 54.51 2.46
CA GLY A 713 15.79 54.50 1.29
C GLY A 713 15.39 55.46 0.20
N VAL A 714 14.35 56.26 0.38
CA VAL A 714 13.94 57.22 -0.65
C VAL A 714 15.00 58.32 -0.75
N PRO A 715 15.44 58.70 -1.95
CA PRO A 715 16.46 59.75 -2.05
C PRO A 715 15.93 61.10 -1.58
N HIS A 716 16.86 61.91 -1.06
CA HIS A 716 16.48 63.21 -0.53
C HIS A 716 15.96 64.13 -1.63
N ALA A 717 16.51 64.03 -2.84
CA ALA A 717 16.09 64.91 -3.93
C ALA A 717 14.62 64.72 -4.26
N LEU A 718 14.15 63.47 -4.25
CA LEU A 718 12.75 63.22 -4.54
C LEU A 718 11.84 63.70 -3.40
N VAL A 719 12.31 63.60 -2.15
CA VAL A 719 11.52 64.07 -1.02
C VAL A 719 11.33 65.58 -1.11
N VAL A 720 12.42 66.31 -1.35
CA VAL A 720 12.32 67.77 -1.47
C VAL A 720 11.48 68.15 -2.67
N GLN A 721 11.48 67.32 -3.72
CA GLN A 721 10.70 67.64 -4.92
C GLN A 721 9.21 67.48 -4.67
N VAL A 722 8.81 66.55 -3.81
CA VAL A 722 7.40 66.40 -3.46
C VAL A 722 6.96 67.54 -2.53
N LEU A 723 7.74 67.78 -1.47
CA LEU A 723 7.42 68.87 -0.56
C LEU A 723 7.37 70.20 -1.29
N GLU A 724 8.14 70.34 -2.38
CA GLU A 724 8.02 71.53 -3.23
C GLU A 724 6.64 71.58 -3.87
N ASN A 725 6.13 70.43 -4.34
CA ASN A 725 4.79 70.40 -4.91
C ASN A 725 3.72 70.55 -3.84
N VAL A 726 4.02 70.15 -2.60
CA VAL A 726 3.06 70.34 -1.51
C VAL A 726 3.01 71.82 -1.11
N LEU A 727 4.15 72.50 -1.11
CA LEU A 727 4.21 73.89 -0.68
C LEU A 727 3.66 74.84 -1.74
N ASP A 728 3.82 74.51 -3.02
CA ASP A 728 3.41 75.38 -4.11
C ASP A 728 1.94 75.23 -4.47
N THR A 729 1.42 74.00 -4.49
CA THR A 729 0.03 73.78 -4.89
C THR A 729 -0.95 74.28 -3.84
N GLN A 730 -0.56 74.22 -2.56
CA GLN A 730 -1.41 74.68 -1.46
C GLN A 730 -2.76 73.95 -1.47
N GLU A 731 -2.70 72.62 -1.49
CA GLU A 731 -3.89 71.78 -1.36
C GLU A 731 -4.08 71.42 0.10
N ALA A 732 -5.33 71.48 0.56
CA ALA A 732 -5.63 71.17 1.95
C ALA A 732 -5.16 69.76 2.29
N PRO A 733 -4.69 69.56 3.53
CA PRO A 733 -4.60 70.52 4.64
C PRO A 733 -3.37 71.42 4.59
N PHE A 734 -2.66 71.45 3.46
CA PHE A 734 -1.43 72.23 3.34
C PHE A 734 -1.76 73.66 2.91
N THR A 735 -2.41 74.38 3.83
CA THR A 735 -2.84 75.75 3.57
C THR A 735 -2.79 76.57 4.86
N GLY A 736 -2.69 77.89 4.70
CA GLY A 736 -2.75 78.79 5.82
C GLY A 736 -1.51 78.74 6.69
N ARG A 737 -1.71 78.91 8.00
CA ARG A 737 -0.61 78.86 8.96
C ARG A 737 -0.04 77.45 9.10
N ARG A 738 -0.79 76.43 8.70
CA ARG A 738 -0.27 75.07 8.71
C ARG A 738 0.82 74.84 7.67
N ARG A 739 1.00 75.77 6.73
CA ARG A 739 2.15 75.74 5.84
C ARG A 739 3.46 75.99 6.58
N LYS A 740 3.39 76.35 7.86
CA LYS A 740 4.59 76.45 8.69
C LYS A 740 5.22 75.08 8.92
N LEU A 741 4.41 74.03 9.03
CA LEU A 741 4.93 72.69 9.21
C LEU A 741 5.55 72.13 7.94
N VAL A 742 5.01 72.50 6.77
CA VAL A 742 5.59 72.08 5.51
C VAL A 742 7.01 72.62 5.38
N VAL A 743 7.27 73.80 5.95
CA VAL A 743 8.63 74.35 5.93
C VAL A 743 9.53 73.59 6.88
N GLN A 744 9.00 73.11 8.01
CA GLN A 744 9.80 72.31 8.93
C GLN A 744 10.20 70.98 8.32
N TRP A 745 9.35 70.42 7.43
CA TRP A 745 9.69 69.18 6.76
C TRP A 745 10.83 69.38 5.77
N ILE A 746 10.74 70.43 4.96
CA ILE A 746 11.78 70.70 3.96
C ILE A 746 13.10 71.01 4.64
N ALA A 747 13.06 71.73 5.77
CA ALA A 747 14.27 72.12 6.46
C ALA A 747 15.04 70.89 6.95
N MET A 748 14.34 69.98 7.63
CA MET A 748 14.99 68.75 8.10
C MET A 748 15.35 67.84 6.94
N ALA A 749 14.56 67.85 5.87
CA ALA A 749 14.87 67.02 4.71
C ALA A 749 16.17 67.45 4.05
N VAL A 750 16.34 68.75 3.84
CA VAL A 750 17.59 69.26 3.29
C VAL A 750 18.71 69.12 4.31
N ASP A 751 18.40 69.21 5.61
CA ASP A 751 19.42 69.09 6.64
C ASP A 751 20.05 67.70 6.62
N MET A 752 19.21 66.65 6.53
CA MET A 752 19.72 65.30 6.38
C MET A 752 20.32 65.07 5.00
N TRP A 753 20.01 65.93 4.03
CA TRP A 753 20.58 65.82 2.69
C TRP A 753 22.00 66.37 2.65
N VAL A 754 22.21 67.59 3.18
CA VAL A 754 23.55 68.14 3.24
C VAL A 754 24.43 67.30 4.15
N ARG A 755 23.85 66.70 5.21
CA ARG A 755 24.60 65.77 6.03
C ARG A 755 24.94 64.50 5.26
N GLU A 756 24.13 64.14 4.27
CA GLU A 756 24.42 62.99 3.42
C GLU A 756 25.47 63.33 2.37
N VAL A 757 25.45 64.56 1.85
CA VAL A 757 26.47 64.98 0.90
C VAL A 757 27.81 65.20 1.60
N GLU A 758 27.78 65.82 2.78
CA GLU A 758 29.01 66.04 3.54
C GLU A 758 29.62 64.73 4.01
N ARG A 759 28.79 63.73 4.35
CA ARG A 759 29.32 62.44 4.76
C ARG A 759 29.91 61.68 3.58
N ARG A 760 29.20 61.66 2.44
CA ARG A 760 29.72 60.98 1.27
C ARG A 760 30.89 61.72 0.64
N GLY A 761 30.88 63.05 0.71
CA GLY A 761 31.95 63.84 0.13
C GLY A 761 31.67 64.17 -1.33
N MET A 778 21.33 67.92 -6.63
CA MET A 778 21.36 69.25 -6.02
C MET A 778 21.83 70.30 -7.03
N GLY A 779 21.16 71.44 -7.03
CA GLY A 779 21.50 72.51 -7.94
C GLY A 779 21.00 73.86 -7.47
N SER A 780 20.46 74.65 -8.40
CA SER A 780 19.94 75.97 -8.07
C SER A 780 18.50 75.92 -7.60
N TRP A 781 17.69 74.99 -8.12
CA TRP A 781 16.30 74.91 -7.71
C TRP A 781 16.14 74.56 -6.23
N VAL A 782 17.21 74.10 -5.58
CA VAL A 782 17.19 73.92 -4.14
C VAL A 782 17.39 75.26 -3.44
N SER A 783 18.37 76.05 -3.89
CA SER A 783 18.58 77.38 -3.34
C SER A 783 17.41 78.31 -3.63
N GLU A 784 16.63 78.03 -4.68
CA GLU A 784 15.44 78.83 -4.97
C GLU A 784 14.33 78.56 -3.97
N LEU A 785 14.08 77.28 -3.66
CA LEU A 785 13.02 76.91 -2.74
C LEU A 785 13.28 77.43 -1.34
N LEU A 786 14.55 77.45 -0.91
CA LEU A 786 14.88 77.91 0.43
C LEU A 786 14.55 79.39 0.61
N GLY A 787 14.89 80.22 -0.38
CA GLY A 787 14.51 81.61 -0.34
C GLY A 787 13.03 81.84 -0.54
N ARG A 788 12.34 80.86 -1.15
CA ARG A 788 10.90 80.99 -1.38
C ARG A 788 10.09 80.69 -0.11
N ALA A 789 10.59 79.80 0.74
CA ALA A 789 9.90 79.50 1.99
C ALA A 789 9.99 80.64 2.99
N ASP A 790 10.98 81.53 2.85
CA ASP A 790 11.10 82.65 3.77
C ASP A 790 9.89 83.57 3.66
N GLN A 791 9.35 83.75 2.45
CA GLN A 791 8.13 84.53 2.28
C GLN A 791 6.95 83.87 2.95
N VAL A 792 6.92 82.54 2.99
CA VAL A 792 5.82 81.83 3.66
C VAL A 792 5.89 82.07 5.16
N LEU A 793 7.11 82.14 5.72
CA LEU A 793 7.25 82.34 7.17
C LEU A 793 6.86 83.75 7.57
N THR A 794 7.24 84.76 6.76
CA THR A 794 6.81 86.12 7.04
C THR A 794 5.31 86.30 6.80
N GLN A 795 4.76 85.59 5.81
CA GLN A 795 3.31 85.60 5.61
C GLN A 795 2.59 84.95 6.78
N ILE A 796 3.13 83.84 7.29
CA ILE A 796 2.54 83.19 8.46
C ILE A 796 2.82 83.99 9.72
N ALA A 797 4.01 84.58 9.83
CA ALA A 797 4.34 85.42 10.97
C ALA A 797 3.46 86.66 11.03
N GLY A 798 2.91 87.10 9.90
CA GLY A 798 2.00 88.22 9.86
C GLY A 798 0.59 87.85 10.23
N THR A 799 0.12 86.71 9.71
CA THR A 799 -1.24 86.25 10.03
C THR A 799 -1.34 85.72 11.45
N GLY A 800 -0.23 85.27 12.03
CA GLY A 800 -0.23 84.75 13.38
C GLY A 800 -0.40 85.84 14.42
N GLU A 813 10.57 81.36 17.62
CA GLU A 813 10.97 80.11 16.99
C GLU A 813 11.10 80.28 15.48
N ILE A 814 10.14 80.98 14.88
CA ILE A 814 10.19 81.23 13.45
C ILE A 814 11.43 82.05 13.10
N ALA A 815 11.76 83.04 13.93
CA ALA A 815 12.96 83.83 13.69
C ALA A 815 14.22 82.98 13.82
N SER A 816 14.23 82.03 14.76
CA SER A 816 15.36 81.13 14.90
C SER A 816 15.42 80.10 13.79
N LEU A 817 14.28 79.79 13.15
CA LEU A 817 14.27 78.86 12.03
C LEU A 817 14.72 79.54 10.74
N ARG A 818 14.33 80.80 10.55
CA ARG A 818 14.80 81.54 9.38
C ARG A 818 16.31 81.67 9.37
N ARG A 819 16.93 81.79 10.56
CA ARG A 819 18.39 81.86 10.63
C ARG A 819 19.04 80.49 10.42
N THR A 820 18.36 79.41 10.81
CA THR A 820 18.88 78.07 10.54
C THR A 820 18.80 77.75 9.05
N VAL A 821 17.74 78.22 8.38
CA VAL A 821 17.59 77.99 6.94
C VAL A 821 18.62 78.79 6.17
N LYS A 822 18.77 80.08 6.51
CA LYS A 822 19.74 80.92 5.82
C LYS A 822 21.16 80.42 6.05
N GLY A 823 21.45 79.89 7.24
CA GLY A 823 22.75 79.32 7.49
C GLY A 823 23.03 78.09 6.65
N LEU A 824 21.99 77.27 6.41
CA LEU A 824 22.14 76.12 5.53
C LEU A 824 22.25 76.55 4.06
N LYS A 825 21.61 77.66 3.69
CA LYS A 825 21.72 78.16 2.33
C LYS A 825 23.14 78.60 2.00
N ARG A 826 23.88 79.10 3.00
CA ARG A 826 25.28 79.45 2.78
C ARG A 826 26.13 78.21 2.56
N SER A 827 25.84 77.13 3.29
CA SER A 827 26.63 75.91 3.16
C SER A 827 26.42 75.25 1.80
N VAL A 828 25.19 75.27 1.29
CA VAL A 828 24.92 74.70 -0.04
C VAL A 828 25.62 75.50 -1.12
N ASP A 829 25.45 76.82 -1.10
CA ASP A 829 26.07 77.69 -2.10
C ASP A 829 27.58 77.71 -1.93
#